data_2Q74
#
_entry.id   2Q74
#
_cell.length_a   101.400
_cell.length_b   185.600
_cell.length_c   107.300
_cell.angle_alpha   90.00
_cell.angle_beta   90.00
_cell.angle_gamma   90.00
#
_symmetry.space_group_name_H-M   'C 2 2 21'
#
loop_
_entity.id
_entity.type
_entity.pdbx_description
1 polymer Inositol-1-monophosphatase
2 water water
#
_entity_poly.entity_id   1
_entity_poly.type   'polypeptide(L)'
_entity_poly.pdbx_seq_one_letter_code
;MTRPDNEPARLRSVAENLAAEAAAFVRGRRAEVFGISRAGDGDGAVRAKSSPTDPVTVVDTDTERLLRDRLAQLRPGDPI
LGEEGGGPADVTATPSDRVTWVLDPIDGTVNFVYGIPAYAVSIGAQVGGITVAGAVADVAARTVYSAATGLGAHLTDERG
RHVLRCTGVDELSMALLGTGFGYSVRCREKQAELLAHVVPLVRDVRRIGSAALDLCMVAAGRLDAYYEHGVQVWDCAAGA
LIAAEAGARVLLSTPRAGGAGLVVVAAAPGIADELLAALQRFNGLEPIPDALEHHHHHH
;
_entity_poly.pdbx_strand_id   A,B,C
#
# COMPACT_ATOMS: atom_id res chain seq x y z
N ASP A 5 -31.06 -36.84 0.04
CA ASP A 5 -30.99 -37.71 1.24
C ASP A 5 -30.71 -36.92 2.52
N ASN A 6 -29.45 -36.49 2.65
CA ASN A 6 -28.88 -35.72 3.79
C ASN A 6 -27.33 -35.72 3.68
N GLU A 7 -26.82 -36.09 2.52
CA GLU A 7 -25.41 -36.11 2.23
C GLU A 7 -25.05 -34.75 1.69
N PRO A 8 -23.77 -34.40 1.77
CA PRO A 8 -23.33 -33.07 1.36
C PRO A 8 -23.82 -32.65 -0.03
N ALA A 9 -23.70 -33.55 -1.01
CA ALA A 9 -24.08 -33.25 -2.40
C ALA A 9 -25.54 -32.79 -2.47
N ARG A 10 -26.41 -33.52 -1.77
CA ARG A 10 -27.83 -33.17 -1.72
C ARG A 10 -28.05 -31.85 -0.98
N LEU A 11 -27.27 -31.62 0.07
CA LEU A 11 -27.42 -30.41 0.86
C LEU A 11 -26.99 -29.16 0.08
N ARG A 12 -25.99 -29.31 -0.80
CA ARG A 12 -25.49 -28.17 -1.52
C ARG A 12 -26.43 -27.79 -2.66
N SER A 13 -27.09 -28.77 -3.26
CA SER A 13 -28.05 -28.50 -4.31
C SER A 13 -29.21 -27.66 -3.82
N VAL A 14 -29.75 -28.04 -2.67
CA VAL A 14 -30.84 -27.28 -2.08
C VAL A 14 -30.30 -25.89 -1.69
N ALA A 15 -29.04 -25.85 -1.27
CA ALA A 15 -28.41 -24.57 -0.90
C ALA A 15 -28.27 -23.69 -2.13
N GLU A 16 -27.86 -24.28 -3.26
CA GLU A 16 -27.64 -23.54 -4.51
C GLU A 16 -28.96 -23.00 -5.03
N ASN A 17 -29.97 -23.85 -5.00
CA ASN A 17 -31.27 -23.50 -5.51
C ASN A 17 -31.94 -22.41 -4.70
N LEU A 18 -31.89 -22.54 -3.38
CA LEU A 18 -32.49 -21.55 -2.50
C LEU A 18 -31.78 -20.20 -2.62
N ALA A 19 -30.45 -20.24 -2.67
CA ALA A 19 -29.66 -19.03 -2.83
C ALA A 19 -30.05 -18.29 -4.12
N ALA A 20 -30.12 -19.03 -5.22
CA ALA A 20 -30.45 -18.46 -6.53
C ALA A 20 -31.86 -17.87 -6.54
N GLU A 21 -32.80 -18.64 -6.01
CA GLU A 21 -34.18 -18.17 -5.84
C GLU A 21 -34.25 -16.88 -5.07
N ALA A 22 -33.68 -16.88 -3.88
CA ALA A 22 -33.73 -15.75 -2.97
C ALA A 22 -33.06 -14.51 -3.59
N ALA A 23 -31.95 -14.72 -4.32
CA ALA A 23 -31.29 -13.63 -5.01
C ALA A 23 -32.26 -12.98 -5.99
N ALA A 24 -32.92 -13.80 -6.79
CA ALA A 24 -33.91 -13.31 -7.75
C ALA A 24 -35.01 -12.48 -7.09
N PHE A 25 -35.40 -12.89 -5.89
CA PHE A 25 -36.46 -12.22 -5.13
C PHE A 25 -35.99 -10.89 -4.57
N VAL A 26 -34.78 -10.89 -4.02
CA VAL A 26 -34.18 -9.66 -3.49
C VAL A 26 -34.03 -8.62 -4.60
N ARG A 27 -33.51 -9.09 -5.72
CA ARG A 27 -33.24 -8.29 -6.88
C ARG A 27 -34.54 -7.63 -7.34
N GLY A 28 -35.62 -8.39 -7.31
CA GLY A 28 -36.93 -7.88 -7.66
C GLY A 28 -37.58 -6.99 -6.62
N ARG A 29 -37.48 -7.39 -5.36
CA ARG A 29 -38.06 -6.63 -4.27
C ARG A 29 -37.38 -5.28 -4.07
N ARG A 30 -36.06 -5.24 -4.25
CA ARG A 30 -35.31 -4.00 -4.13
C ARG A 30 -35.84 -2.97 -5.12
N ALA A 31 -36.06 -3.38 -6.37
CA ALA A 31 -36.56 -2.50 -7.42
C ALA A 31 -37.93 -1.93 -7.07
N GLU A 32 -38.79 -2.73 -6.47
CA GLU A 32 -40.12 -2.27 -6.06
C GLU A 32 -40.02 -1.24 -4.94
N VAL A 33 -39.45 -1.65 -3.81
CA VAL A 33 -39.26 -0.79 -2.65
C VAL A 33 -38.54 0.54 -2.97
N PHE A 34 -37.59 0.52 -3.90
CA PHE A 34 -36.87 1.73 -4.31
C PHE A 34 -37.36 2.16 -5.69
N ASP A 54 -35.13 0.42 7.61
CA ASP A 54 -36.55 0.14 7.37
C ASP A 54 -36.83 -0.44 5.96
N PRO A 55 -36.45 0.28 4.87
CA PRO A 55 -36.64 -0.29 3.53
C PRO A 55 -35.81 -1.57 3.32
N VAL A 56 -34.61 -1.63 3.88
CA VAL A 56 -33.81 -2.84 3.83
C VAL A 56 -34.37 -3.86 4.84
N THR A 57 -34.92 -3.38 5.96
CA THR A 57 -35.55 -4.26 6.95
C THR A 57 -36.70 -5.03 6.31
N VAL A 58 -37.42 -4.36 5.42
CA VAL A 58 -38.56 -4.95 4.75
C VAL A 58 -38.11 -6.09 3.85
N VAL A 59 -37.16 -5.84 2.96
CA VAL A 59 -36.73 -6.84 1.99
C VAL A 59 -36.05 -8.00 2.70
N ASP A 60 -35.30 -7.68 3.75
CA ASP A 60 -34.58 -8.66 4.54
C ASP A 60 -35.58 -9.65 5.16
N THR A 61 -36.64 -9.13 5.76
CA THR A 61 -37.66 -9.97 6.36
C THR A 61 -38.40 -10.81 5.33
N ASP A 62 -38.80 -10.16 4.23
CA ASP A 62 -39.53 -10.83 3.18
C ASP A 62 -38.76 -12.03 2.67
N THR A 63 -37.47 -11.83 2.43
CA THR A 63 -36.59 -12.86 1.88
C THR A 63 -36.33 -13.97 2.89
N GLU A 64 -36.24 -13.59 4.15
CA GLU A 64 -36.16 -14.56 5.25
C GLU A 64 -37.40 -15.47 5.27
N ARG A 65 -38.57 -14.87 5.07
CA ARG A 65 -39.82 -15.61 4.96
C ARG A 65 -39.80 -16.60 3.78
N LEU A 66 -39.37 -16.13 2.62
CA LEU A 66 -39.25 -16.96 1.42
C LEU A 66 -38.43 -18.19 1.72
N LEU A 67 -37.28 -17.97 2.34
CA LEU A 67 -36.33 -19.05 2.64
C LEU A 67 -36.86 -20.05 3.67
N ARG A 68 -37.54 -19.54 4.69
CA ARG A 68 -38.13 -20.39 5.72
C ARG A 68 -39.24 -21.27 5.15
N ASP A 69 -40.10 -20.68 4.32
CA ASP A 69 -41.19 -21.42 3.69
C ASP A 69 -40.63 -22.50 2.77
N ARG A 70 -39.70 -22.12 1.91
CA ARG A 70 -39.13 -23.07 0.96
C ARG A 70 -38.42 -24.21 1.66
N LEU A 71 -37.82 -23.91 2.80
CA LEU A 71 -37.15 -24.92 3.60
C LEU A 71 -38.15 -25.83 4.30
N ALA A 72 -39.31 -25.29 4.65
CA ALA A 72 -40.40 -26.07 5.21
C ALA A 72 -40.88 -27.16 4.24
N GLN A 73 -40.88 -26.84 2.93
CA GLN A 73 -41.36 -27.75 1.90
C GLN A 73 -40.25 -28.67 1.40
N LEU A 74 -39.03 -28.18 1.29
CA LEU A 74 -37.93 -28.99 0.77
C LEU A 74 -37.22 -29.80 1.86
N ARG A 75 -37.09 -29.20 3.05
CA ARG A 75 -36.43 -29.83 4.17
C ARG A 75 -37.28 -29.72 5.44
N PRO A 76 -38.42 -30.47 5.47
CA PRO A 76 -39.47 -30.42 6.50
C PRO A 76 -39.04 -30.26 7.97
N GLY A 77 -38.28 -31.19 8.53
CA GLY A 77 -38.02 -31.14 9.98
C GLY A 77 -36.74 -30.41 10.38
N ASP A 78 -36.12 -29.70 9.44
CA ASP A 78 -34.82 -29.10 9.70
C ASP A 78 -34.89 -27.77 10.43
N PRO A 79 -34.08 -27.62 11.48
CA PRO A 79 -33.95 -26.35 12.18
C PRO A 79 -33.38 -25.24 11.32
N ILE A 80 -33.82 -24.04 11.61
CA ILE A 80 -33.41 -22.83 10.90
C ILE A 80 -32.90 -21.82 11.91
N LEU A 81 -31.59 -21.53 11.85
CA LEU A 81 -31.03 -20.37 12.56
C LEU A 81 -30.93 -19.21 11.58
N GLY A 82 -31.83 -18.26 11.71
CA GLY A 82 -31.83 -17.09 10.86
C GLY A 82 -31.07 -15.94 11.48
N GLU A 83 -30.96 -14.86 10.72
CA GLU A 83 -30.46 -13.60 11.26
C GLU A 83 -31.37 -13.12 12.40
N GLU A 84 -32.55 -13.75 12.52
CA GLU A 84 -33.58 -13.41 13.51
C GLU A 84 -34.28 -14.68 14.09
N GLY A 85 -33.49 -15.57 14.69
CA GLY A 85 -34.00 -16.82 15.26
C GLY A 85 -33.13 -18.01 14.87
N ARG A 98 -29.30 -34.77 11.98
CA ARG A 98 -30.12 -33.56 11.78
C ARG A 98 -29.27 -32.36 11.32
N VAL A 99 -29.78 -31.61 10.34
CA VAL A 99 -29.07 -30.45 9.77
C VAL A 99 -29.76 -29.12 10.12
N THR A 100 -28.95 -28.08 10.30
CA THR A 100 -29.45 -26.76 10.62
C THR A 100 -29.08 -25.78 9.52
N TRP A 101 -30.07 -25.05 9.02
CA TRP A 101 -29.84 -24.09 7.96
C TRP A 101 -29.55 -22.74 8.57
N VAL A 102 -28.33 -22.24 8.33
CA VAL A 102 -27.90 -20.96 8.85
C VAL A 102 -27.95 -19.96 7.72
N LEU A 103 -28.70 -18.88 7.88
CA LEU A 103 -28.85 -18.00 6.74
C LEU A 103 -28.88 -16.50 6.97
N ASP A 104 -28.50 -15.77 5.92
CA ASP A 104 -28.61 -14.31 5.86
C ASP A 104 -29.16 -13.93 4.48
N PRO A 105 -30.39 -13.41 4.44
CA PRO A 105 -31.00 -12.96 3.19
C PRO A 105 -30.27 -11.82 2.49
N ILE A 106 -29.70 -10.90 3.27
CA ILE A 106 -28.94 -9.80 2.71
C ILE A 106 -27.73 -9.50 3.59
N ASP A 107 -26.57 -10.03 3.18
CA ASP A 107 -25.29 -9.70 3.77
C ASP A 107 -24.69 -8.54 2.99
N GLY A 108 -24.47 -7.44 3.67
CA GLY A 108 -24.08 -6.20 3.03
C GLY A 108 -25.29 -5.32 2.89
N THR A 109 -25.91 -4.96 4.02
CA THR A 109 -27.11 -4.14 4.05
C THR A 109 -26.80 -2.68 3.72
N VAL A 110 -25.62 -2.21 4.11
CA VAL A 110 -25.23 -0.86 3.76
C VAL A 110 -25.11 -0.78 2.23
N ASN A 111 -24.51 -1.80 1.66
CA ASN A 111 -24.31 -1.87 0.21
C ASN A 111 -25.64 -1.88 -0.53
N PHE A 112 -26.55 -2.73 -0.06
CA PHE A 112 -27.92 -2.79 -0.56
C PHE A 112 -28.62 -1.41 -0.57
N VAL A 113 -28.53 -0.69 0.54
CA VAL A 113 -29.18 0.61 0.65
C VAL A 113 -28.59 1.65 -0.30
N TYR A 114 -27.27 1.58 -0.51
CA TYR A 114 -26.59 2.56 -1.36
C TYR A 114 -26.52 2.18 -2.83
N GLY A 115 -26.85 0.94 -3.16
CA GLY A 115 -26.78 0.49 -4.54
C GLY A 115 -25.38 0.07 -4.96
N ILE A 116 -24.54 -0.31 -4.01
CA ILE A 116 -23.24 -0.84 -4.34
C ILE A 116 -23.44 -2.35 -4.60
N PRO A 117 -23.16 -2.83 -5.82
CA PRO A 117 -23.43 -4.22 -6.19
C PRO A 117 -22.51 -5.17 -5.51
N ALA A 118 -22.72 -5.33 -4.22
CA ALA A 118 -21.91 -6.18 -3.42
C ALA A 118 -22.73 -6.50 -2.17
N TYR A 119 -23.87 -7.17 -2.39
CA TYR A 119 -24.59 -7.81 -1.30
C TYR A 119 -24.92 -9.22 -1.69
N ALA A 120 -25.15 -10.09 -0.71
CA ALA A 120 -25.29 -11.52 -1.00
C ALA A 120 -26.30 -12.26 -0.12
N VAL A 121 -26.84 -13.34 -0.66
CA VAL A 121 -27.62 -14.29 0.09
C VAL A 121 -26.66 -15.42 0.49
N SER A 122 -26.62 -15.75 1.78
CA SER A 122 -25.76 -16.82 2.30
C SER A 122 -26.61 -17.91 2.94
N ILE A 123 -26.41 -19.16 2.50
CA ILE A 123 -27.14 -20.34 2.98
C ILE A 123 -26.09 -21.41 3.39
N GLY A 124 -26.00 -21.71 4.67
CA GLY A 124 -25.11 -22.75 5.14
C GLY A 124 -25.87 -23.94 5.73
N ALA A 125 -25.36 -25.15 5.48
CA ALA A 125 -25.94 -26.38 6.02
C ALA A 125 -24.98 -26.91 7.07
N GLN A 126 -25.38 -26.85 8.33
CA GLN A 126 -24.52 -27.26 9.45
C GLN A 126 -25.04 -28.52 10.11
N VAL A 127 -24.10 -29.32 10.61
CA VAL A 127 -24.39 -30.51 11.39
C VAL A 127 -23.43 -30.51 12.57
N GLY A 128 -23.99 -30.33 13.77
CA GLY A 128 -23.20 -30.25 14.99
C GLY A 128 -22.28 -29.04 15.01
N GLY A 129 -22.70 -27.95 14.38
CA GLY A 129 -21.91 -26.71 14.37
C GLY A 129 -20.85 -26.65 13.27
N ILE A 130 -20.72 -27.73 12.50
CA ILE A 130 -19.77 -27.79 11.39
C ILE A 130 -20.51 -27.58 10.08
N THR A 131 -20.00 -26.72 9.22
CA THR A 131 -20.58 -26.49 7.90
C THR A 131 -20.19 -27.57 6.88
N VAL A 132 -21.21 -28.29 6.43
CA VAL A 132 -21.09 -29.43 5.53
C VAL A 132 -21.36 -29.03 4.08
N ALA A 133 -22.18 -27.99 3.90
CA ALA A 133 -22.51 -27.51 2.57
C ALA A 133 -23.01 -26.07 2.63
N GLY A 134 -22.85 -25.36 1.53
CA GLY A 134 -23.14 -23.93 1.54
C GLY A 134 -23.25 -23.30 0.18
N ALA A 135 -23.90 -22.14 0.13
CA ALA A 135 -24.05 -21.42 -1.14
C ALA A 135 -24.17 -19.95 -0.86
N VAL A 136 -23.39 -19.14 -1.58
CA VAL A 136 -23.51 -17.67 -1.47
C VAL A 136 -23.84 -17.13 -2.83
N ALA A 137 -24.93 -16.40 -2.89
CA ALA A 137 -25.40 -15.84 -4.17
C ALA A 137 -25.00 -14.40 -4.19
N ASP A 138 -24.19 -14.01 -5.17
CA ASP A 138 -23.86 -12.60 -5.44
C ASP A 138 -25.01 -12.02 -6.25
N VAL A 139 -25.92 -11.34 -5.55
CA VAL A 139 -27.17 -10.91 -6.12
C VAL A 139 -26.97 -10.07 -7.39
N ALA A 140 -26.18 -9.01 -7.32
CA ALA A 140 -26.13 -8.10 -8.48
C ALA A 140 -25.37 -8.74 -9.65
N ALA A 141 -24.43 -9.63 -9.33
CA ALA A 141 -23.62 -10.28 -10.36
C ALA A 141 -24.40 -11.39 -11.05
N ARG A 142 -25.45 -11.87 -10.40
CA ARG A 142 -26.23 -13.02 -10.87
C ARG A 142 -25.40 -14.28 -10.96
N THR A 143 -24.58 -14.51 -9.94
CA THR A 143 -23.73 -15.69 -9.86
C THR A 143 -23.96 -16.39 -8.52
N VAL A 144 -23.56 -17.65 -8.42
CA VAL A 144 -23.71 -18.40 -7.19
C VAL A 144 -22.46 -19.23 -6.92
N TYR A 145 -21.88 -19.03 -5.75
CA TYR A 145 -20.73 -19.81 -5.29
C TYR A 145 -21.27 -20.90 -4.42
N SER A 146 -20.71 -22.11 -4.51
CA SER A 146 -21.12 -23.18 -3.60
C SER A 146 -20.05 -24.22 -3.36
N ALA A 147 -20.23 -25.00 -2.30
CA ALA A 147 -19.28 -26.03 -1.93
C ALA A 147 -19.95 -27.04 -1.02
N ALA A 148 -19.32 -28.20 -0.89
CA ALA A 148 -19.70 -29.22 0.09
C ALA A 148 -18.47 -30.03 0.50
N THR A 149 -18.44 -30.52 1.75
CA THR A 149 -17.23 -31.20 2.28
C THR A 149 -16.78 -32.33 1.39
N GLY A 150 -15.55 -32.24 0.93
CA GLY A 150 -14.94 -33.26 0.10
C GLY A 150 -15.25 -33.12 -1.38
N LEU A 151 -16.12 -32.19 -1.74
CA LEU A 151 -16.62 -32.12 -3.11
C LEU A 151 -16.08 -30.93 -3.89
N GLY A 152 -15.30 -30.06 -3.24
CA GLY A 152 -14.78 -28.87 -3.91
C GLY A 152 -15.75 -27.69 -3.94
N ALA A 153 -15.26 -26.56 -4.44
CA ALA A 153 -16.03 -25.30 -4.51
C ALA A 153 -16.24 -24.89 -5.96
N HIS A 154 -17.45 -24.50 -6.32
CA HIS A 154 -17.72 -24.04 -7.69
C HIS A 154 -18.41 -22.70 -7.74
N LEU A 155 -18.22 -22.00 -8.85
CA LEU A 155 -18.92 -20.78 -9.20
C LEU A 155 -19.81 -21.07 -10.38
N THR A 156 -21.07 -20.63 -10.32
CA THR A 156 -22.01 -20.83 -11.41
C THR A 156 -22.50 -19.52 -11.97
N ASP A 157 -22.33 -19.31 -13.27
CA ASP A 157 -22.79 -18.10 -13.96
C ASP A 157 -23.39 -18.47 -15.33
N GLU A 158 -23.57 -17.49 -16.21
CA GLU A 158 -24.13 -17.75 -17.56
C GLU A 158 -23.31 -18.77 -18.36
N ARG A 159 -21.98 -18.72 -18.22
CA ARG A 159 -21.07 -19.64 -18.92
C ARG A 159 -20.97 -21.02 -18.26
N GLY A 160 -21.92 -21.37 -17.40
CA GLY A 160 -21.91 -22.67 -16.72
C GLY A 160 -21.11 -22.67 -15.44
N ARG A 161 -20.81 -23.88 -14.96
CA ARG A 161 -20.13 -24.10 -13.68
C ARG A 161 -18.60 -24.19 -13.77
N HIS A 162 -17.89 -23.51 -12.89
CA HIS A 162 -16.41 -23.49 -12.89
C HIS A 162 -15.84 -23.90 -11.53
N VAL A 163 -14.66 -24.55 -11.54
CA VAL A 163 -14.00 -24.97 -10.31
C VAL A 163 -13.30 -23.77 -9.73
N LEU A 164 -13.36 -23.64 -8.40
CA LEU A 164 -12.67 -22.57 -7.72
C LEU A 164 -11.40 -23.06 -7.06
N ARG A 165 -10.39 -22.20 -7.15
CA ARG A 165 -9.09 -22.42 -6.56
C ARG A 165 -8.50 -21.10 -6.15
N CYS A 166 -7.99 -21.02 -4.93
CA CYS A 166 -7.39 -19.79 -4.46
C CYS A 166 -6.02 -19.65 -5.10
N THR A 167 -5.39 -18.50 -4.91
CA THR A 167 -4.17 -18.18 -5.58
C THR A 167 -3.01 -18.93 -4.97
N GLY A 168 -1.83 -18.83 -5.58
CA GLY A 168 -0.61 -19.46 -5.04
C GLY A 168 0.44 -18.46 -4.57
N VAL A 169 0.03 -17.30 -4.06
CA VAL A 169 0.96 -16.30 -3.50
C VAL A 169 1.81 -16.88 -2.40
N ASP A 170 3.08 -16.47 -2.35
CA ASP A 170 4.05 -16.88 -1.30
C ASP A 170 4.40 -15.74 -0.36
N GLU A 171 4.64 -14.55 -0.92
CA GLU A 171 5.05 -13.42 -0.13
C GLU A 171 3.84 -12.60 0.27
N LEU A 172 3.63 -12.47 1.56
CA LEU A 172 2.55 -11.64 2.11
C LEU A 172 2.59 -10.21 1.59
N SER A 173 3.75 -9.72 1.16
CA SER A 173 3.86 -8.38 0.53
C SER A 173 3.30 -8.35 -0.87
N MET A 174 2.95 -9.52 -1.37
CA MET A 174 2.36 -9.68 -2.69
C MET A 174 0.86 -10.00 -2.61
N ALA A 175 0.32 -10.04 -1.39
CA ALA A 175 -1.04 -10.49 -1.17
C ALA A 175 -2.02 -9.31 -1.17
N LEU A 176 -3.17 -9.51 -1.82
CA LEU A 176 -4.25 -8.54 -1.75
C LEU A 176 -5.23 -8.97 -0.66
N LEU A 177 -5.36 -8.13 0.35
CA LEU A 177 -6.10 -8.46 1.55
C LEU A 177 -7.42 -7.70 1.60
N GLY A 178 -8.50 -8.43 1.86
CA GLY A 178 -9.79 -7.83 2.13
C GLY A 178 -10.06 -7.75 3.63
N THR A 179 -10.72 -6.68 4.06
CA THR A 179 -11.14 -6.59 5.45
C THR A 179 -12.50 -5.95 5.58
N GLY A 180 -13.04 -6.07 6.79
CA GLY A 180 -14.26 -5.38 7.14
C GLY A 180 -14.22 -5.00 8.59
N PHE A 181 -15.20 -4.19 8.99
CA PHE A 181 -15.43 -3.84 10.38
C PHE A 181 -16.58 -4.72 10.83
N GLY A 182 -16.32 -5.54 11.85
CA GLY A 182 -17.26 -6.54 12.31
C GLY A 182 -18.06 -6.05 13.50
N TYR A 183 -19.30 -6.52 13.62
CA TYR A 183 -20.22 -6.08 14.69
C TYR A 183 -20.69 -4.65 14.36
N SER A 184 -20.98 -3.83 15.38
CA SER A 184 -21.47 -2.45 15.17
C SER A 184 -20.42 -1.41 15.56
N VAL A 185 -20.79 -0.12 15.48
CA VAL A 185 -19.92 1.05 15.76
C VAL A 185 -18.91 0.92 16.93
N ARG A 186 -19.16 -0.01 17.86
CA ARG A 186 -18.29 -0.20 19.03
C ARG A 186 -16.97 -0.89 18.68
N CYS A 187 -15.86 -0.32 19.14
CA CYS A 187 -14.51 -0.90 18.97
C CYS A 187 -13.93 -0.84 17.54
N ARG A 188 -14.40 0.09 16.70
CA ARG A 188 -13.86 0.24 15.34
C ARG A 188 -12.47 0.85 15.16
N GLU A 189 -12.17 1.92 15.87
CA GLU A 189 -10.87 2.57 15.70
C GLU A 189 -9.69 1.63 15.99
N LYS A 190 -9.83 0.70 16.94
CA LYS A 190 -8.78 -0.28 17.24
C LYS A 190 -8.52 -1.23 16.08
N GLN A 191 -9.61 -1.69 15.45
CA GLN A 191 -9.50 -2.55 14.26
C GLN A 191 -8.79 -1.82 13.15
N ALA A 192 -9.10 -0.52 12.99
CA ALA A 192 -8.46 0.32 11.97
C ALA A 192 -6.99 0.54 12.28
N GLU A 193 -6.71 0.71 13.56
CA GLU A 193 -5.36 0.88 14.07
C GLU A 193 -4.54 -0.38 13.76
N LEU A 194 -5.11 -1.53 14.05
CA LEU A 194 -4.50 -2.81 13.73
C LEU A 194 -4.19 -2.95 12.26
N LEU A 195 -5.13 -2.55 11.40
CA LEU A 195 -4.95 -2.67 9.97
C LEU A 195 -3.83 -1.80 9.45
N ALA A 196 -3.73 -0.59 9.96
CA ALA A 196 -2.64 0.30 9.57
C ALA A 196 -1.30 -0.42 9.74
N HIS A 197 -1.17 -1.22 10.79
CA HIS A 197 0.07 -1.96 11.00
C HIS A 197 0.33 -3.03 9.94
N VAL A 198 -0.73 -3.70 9.48
CA VAL A 198 -0.56 -4.76 8.48
C VAL A 198 -0.50 -4.21 7.04
N VAL A 199 -1.02 -3.00 6.84
CA VAL A 199 -1.04 -2.34 5.51
C VAL A 199 0.30 -2.34 4.77
N PRO A 200 1.40 -1.97 5.44
CA PRO A 200 2.69 -2.01 4.74
C PRO A 200 3.26 -3.42 4.51
N LEU A 201 2.72 -4.42 5.17
CA LEU A 201 3.20 -5.80 4.98
C LEU A 201 2.54 -6.49 3.80
N VAL A 202 1.55 -5.84 3.17
CA VAL A 202 0.78 -6.45 2.08
C VAL A 202 0.70 -5.58 0.84
N ARG A 203 0.44 -6.24 -0.29
CA ARG A 203 0.33 -5.59 -1.60
C ARG A 203 -0.61 -4.41 -1.59
N ASP A 204 -1.87 -4.63 -1.20
CA ASP A 204 -2.90 -3.57 -1.11
C ASP A 204 -4.07 -4.13 -0.27
N VAL A 205 -5.04 -3.28 0.03
CA VAL A 205 -6.17 -3.65 0.87
C VAL A 205 -7.46 -3.37 0.12
N ARG A 206 -8.47 -4.20 0.34
CA ARG A 206 -9.81 -3.99 -0.21
C ARG A 206 -10.85 -4.00 0.92
N ARG A 207 -11.81 -3.07 0.86
CA ARG A 207 -12.91 -3.03 1.84
C ARG A 207 -14.21 -2.86 1.10
N ILE A 208 -14.92 -3.97 0.94
CA ILE A 208 -16.03 -4.08 0.02
C ILE A 208 -17.42 -4.04 0.65
N GLY A 209 -17.55 -4.40 1.92
CA GLY A 209 -18.81 -4.32 2.65
C GLY A 209 -19.60 -5.62 2.73
N SER A 210 -18.97 -6.78 2.46
CA SER A 210 -19.67 -8.07 2.56
C SER A 210 -18.75 -9.27 2.89
N ALA A 211 -18.92 -9.81 4.09
CA ALA A 211 -18.05 -10.86 4.55
C ALA A 211 -18.23 -12.10 3.70
N ALA A 212 -19.47 -12.39 3.34
CA ALA A 212 -19.81 -13.54 2.52
C ALA A 212 -19.08 -13.46 1.17
N LEU A 213 -19.12 -12.28 0.57
CA LEU A 213 -18.50 -12.08 -0.74
C LEU A 213 -16.98 -12.07 -0.68
N ASP A 214 -16.39 -11.60 0.42
CA ASP A 214 -14.95 -11.60 0.61
C ASP A 214 -14.44 -13.05 0.67
N LEU A 215 -15.11 -13.88 1.45
CA LEU A 215 -14.75 -15.26 1.53
C LEU A 215 -14.82 -15.89 0.13
N CYS A 216 -15.80 -15.50 -0.67
CA CYS A 216 -15.91 -16.09 -2.01
C CYS A 216 -14.78 -15.57 -2.93
N MET A 217 -14.45 -14.30 -2.79
CA MET A 217 -13.36 -13.75 -3.58
C MET A 217 -12.07 -14.56 -3.32
N VAL A 218 -11.81 -14.85 -2.06
CA VAL A 218 -10.61 -15.62 -1.70
C VAL A 218 -10.64 -16.97 -2.42
N ALA A 219 -11.80 -17.62 -2.37
CA ALA A 219 -12.03 -18.85 -3.06
C ALA A 219 -11.78 -18.75 -4.57
N ALA A 220 -12.27 -17.69 -5.18
CA ALA A 220 -12.16 -17.51 -6.61
C ALA A 220 -10.78 -17.00 -7.03
N GLY A 221 -10.01 -16.48 -6.08
CA GLY A 221 -8.68 -15.90 -6.40
C GLY A 221 -8.74 -14.40 -6.64
N ARG A 222 -9.85 -13.76 -6.29
CA ARG A 222 -9.94 -12.30 -6.45
C ARG A 222 -9.35 -11.52 -5.28
N LEU A 223 -9.18 -12.20 -4.14
CA LEU A 223 -8.38 -11.73 -3.04
C LEU A 223 -7.43 -12.86 -2.68
N ASP A 224 -6.27 -12.53 -2.12
CA ASP A 224 -5.32 -13.53 -1.63
C ASP A 224 -5.64 -13.92 -0.19
N ALA A 225 -6.27 -13.00 0.55
CA ALA A 225 -6.69 -13.27 1.92
C ALA A 225 -7.77 -12.36 2.38
N TYR A 226 -8.35 -12.76 3.51
CA TYR A 226 -9.42 -11.97 4.11
C TYR A 226 -9.33 -12.06 5.61
N TYR A 227 -9.50 -10.92 6.28
CA TYR A 227 -9.48 -10.85 7.74
C TYR A 227 -10.56 -9.90 8.27
N GLU A 228 -11.41 -10.43 9.15
CA GLU A 228 -12.37 -9.61 9.86
C GLU A 228 -12.60 -10.07 11.30
N HIS A 229 -12.67 -9.08 12.19
CA HIS A 229 -12.91 -9.30 13.61
C HIS A 229 -14.35 -8.95 13.97
N GLY A 230 -15.18 -9.98 14.20
CA GLY A 230 -16.57 -9.78 14.65
C GLY A 230 -17.60 -10.05 13.58
N VAL A 231 -17.60 -11.26 13.03
CA VAL A 231 -18.50 -11.62 11.95
C VAL A 231 -19.53 -12.61 12.48
N GLN A 232 -20.80 -12.32 12.30
CA GLN A 232 -21.85 -13.24 12.70
C GLN A 232 -21.69 -14.58 11.97
N VAL A 233 -22.17 -15.66 12.59
CA VAL A 233 -22.07 -17.00 12.01
C VAL A 233 -22.79 -17.14 10.66
N TRP A 234 -23.93 -16.51 10.54
CA TRP A 234 -24.74 -16.59 9.32
C TRP A 234 -24.18 -15.83 8.12
N ASP A 235 -23.12 -15.04 8.35
CA ASP A 235 -22.45 -14.36 7.26
C ASP A 235 -21.14 -15.02 6.84
N CYS A 236 -20.62 -15.91 7.65
CA CYS A 236 -19.37 -16.53 7.26
C CYS A 236 -19.41 -18.05 7.10
N ALA A 237 -20.44 -18.70 7.65
CA ALA A 237 -20.51 -20.17 7.67
C ALA A 237 -20.39 -20.78 6.27
N ALA A 238 -21.25 -20.33 5.35
CA ALA A 238 -21.21 -20.78 3.96
C ALA A 238 -19.91 -20.45 3.22
N GLY A 239 -19.57 -19.16 3.19
CA GLY A 239 -18.33 -18.70 2.58
C GLY A 239 -17.07 -19.35 3.09
N ALA A 240 -17.00 -19.59 4.39
CA ALA A 240 -15.84 -20.22 5.01
C ALA A 240 -15.56 -21.57 4.35
N LEU A 241 -16.62 -22.36 4.20
CA LEU A 241 -16.52 -23.70 3.60
C LEU A 241 -16.07 -23.58 2.17
N ILE A 242 -16.64 -22.61 1.49
CA ILE A 242 -16.35 -22.40 0.09
C ILE A 242 -14.87 -22.09 -0.10
N ALA A 243 -14.37 -21.08 0.63
CA ALA A 243 -12.94 -20.80 0.62
C ALA A 243 -12.11 -22.06 0.98
N ALA A 244 -12.53 -22.79 1.99
CA ALA A 244 -11.78 -24.00 2.43
C ALA A 244 -11.72 -25.01 1.30
N GLU A 245 -12.87 -25.29 0.69
CA GLU A 245 -12.91 -26.26 -0.39
C GLU A 245 -12.18 -25.80 -1.65
N ALA A 246 -11.76 -24.54 -1.64
CA ALA A 246 -11.00 -23.97 -2.74
C ALA A 246 -9.52 -24.02 -2.41
N GLY A 247 -9.19 -24.67 -1.29
CA GLY A 247 -7.79 -24.87 -0.86
C GLY A 247 -7.28 -23.82 0.12
N ALA A 248 -8.13 -22.85 0.48
CA ALA A 248 -7.69 -21.78 1.37
C ALA A 248 -7.54 -22.28 2.80
N ARG A 249 -6.65 -21.63 3.53
CA ARG A 249 -6.52 -21.81 4.94
C ARG A 249 -7.59 -20.94 5.61
N VAL A 250 -8.42 -21.54 6.44
CA VAL A 250 -9.50 -20.80 7.05
C VAL A 250 -9.62 -21.13 8.51
N LEU A 251 -9.63 -20.11 9.37
CA LEU A 251 -9.88 -20.35 10.78
C LEU A 251 -10.88 -19.37 11.35
N LEU A 252 -11.79 -19.93 12.16
CA LEU A 252 -12.86 -19.18 12.81
C LEU A 252 -12.70 -19.19 14.34
N SER A 253 -12.04 -18.16 14.85
CA SER A 253 -11.78 -18.01 16.27
C SER A 253 -12.95 -17.27 16.92
N ALA A 260 -20.75 -11.14 20.37
CA ALA A 260 -21.10 -12.53 20.06
C ALA A 260 -20.61 -13.08 18.70
N GLY A 261 -19.96 -12.23 17.87
CA GLY A 261 -19.47 -12.64 16.54
C GLY A 261 -18.22 -13.53 16.57
N LEU A 262 -17.62 -13.75 15.41
CA LEU A 262 -16.41 -14.56 15.29
C LEU A 262 -15.25 -13.78 14.66
N VAL A 263 -14.04 -14.30 14.85
CA VAL A 263 -12.86 -13.81 14.19
C VAL A 263 -12.58 -14.75 13.04
N VAL A 264 -12.51 -14.20 11.84
CA VAL A 264 -12.35 -14.97 10.63
C VAL A 264 -11.05 -14.60 9.95
N VAL A 265 -10.25 -15.63 9.65
CA VAL A 265 -9.08 -15.47 8.78
C VAL A 265 -9.16 -16.50 7.66
N ALA A 266 -9.04 -16.03 6.43
CA ALA A 266 -9.05 -16.91 5.26
C ALA A 266 -7.96 -16.45 4.31
N ALA A 267 -7.07 -17.36 3.91
CA ALA A 267 -5.91 -16.96 3.12
C ALA A 267 -5.45 -18.08 2.21
N ALA A 268 -4.87 -17.72 1.08
CA ALA A 268 -4.17 -18.69 0.27
C ALA A 268 -3.12 -19.37 1.15
N PRO A 269 -2.93 -20.69 0.99
CA PRO A 269 -2.11 -21.50 1.90
C PRO A 269 -0.66 -21.08 2.00
N GLY A 270 -0.11 -20.61 0.88
CA GLY A 270 1.28 -20.20 0.82
C GLY A 270 1.59 -18.99 1.66
N ILE A 271 0.54 -18.35 2.19
CA ILE A 271 0.68 -17.07 2.86
C ILE A 271 -0.03 -16.99 4.22
N ALA A 272 -0.69 -18.07 4.59
CA ALA A 272 -1.50 -18.10 5.81
C ALA A 272 -0.68 -17.90 7.08
N ASP A 273 0.39 -18.68 7.26
CA ASP A 273 1.25 -18.57 8.44
C ASP A 273 1.79 -17.17 8.56
N GLU A 274 2.41 -16.68 7.48
CA GLU A 274 3.00 -15.36 7.51
C GLU A 274 1.97 -14.27 7.90
N LEU A 275 0.71 -14.45 7.49
CA LEU A 275 -0.34 -13.48 7.80
C LEU A 275 -0.82 -13.61 9.26
N LEU A 276 -0.99 -14.84 9.72
CA LEU A 276 -1.39 -15.10 11.11
C LEU A 276 -0.37 -14.54 12.11
N ALA A 277 0.91 -14.69 11.80
CA ALA A 277 1.99 -14.14 12.62
C ALA A 277 1.86 -12.63 12.75
N ALA A 278 1.82 -11.93 11.61
CA ALA A 278 1.67 -10.47 11.62
C ALA A 278 0.44 -10.02 12.41
N LEU A 279 -0.66 -10.78 12.32
CA LEU A 279 -1.90 -10.42 13.02
C LEU A 279 -1.72 -10.60 14.53
N GLN A 280 -1.22 -11.76 14.94
CA GLN A 280 -0.92 -12.02 16.36
C GLN A 280 0.02 -10.96 16.90
N ARG A 281 1.09 -10.73 16.15
CA ARG A 281 2.05 -9.69 16.47
C ARG A 281 1.42 -8.34 16.86
N PHE A 282 0.21 -8.06 16.39
CA PHE A 282 -0.50 -6.84 16.77
C PHE A 282 -1.85 -7.06 17.47
N ASN A 283 -2.16 -8.32 17.82
CA ASN A 283 -3.43 -8.68 18.46
C ASN A 283 -4.67 -8.45 17.61
N GLY A 284 -4.99 -9.43 16.76
CA GLY A 284 -6.19 -9.38 15.93
C GLY A 284 -6.83 -10.74 15.64
N LEU A 285 -6.00 -11.79 15.64
CA LEU A 285 -6.46 -13.17 15.38
C LEU A 285 -7.05 -13.81 16.64
N GLU A 286 -7.33 -13.01 17.67
CA GLU A 286 -7.83 -13.51 18.96
C GLU A 286 -9.07 -12.73 19.41
N ASP B 5 52.25 -2.53 -2.05
CA ASP B 5 52.10 -3.84 -2.73
C ASP B 5 50.64 -4.09 -3.08
N ASN B 6 49.86 -4.42 -2.04
CA ASN B 6 48.43 -4.74 -2.09
C ASN B 6 47.99 -5.33 -0.73
N GLU B 7 48.86 -5.19 0.28
CA GLU B 7 48.60 -5.64 1.63
C GLU B 7 47.90 -4.52 2.35
N PRO B 8 47.18 -4.86 3.44
CA PRO B 8 46.38 -3.87 4.15
C PRO B 8 47.15 -2.58 4.52
N ALA B 9 48.36 -2.74 5.04
CA ALA B 9 49.18 -1.59 5.45
C ALA B 9 49.36 -0.59 4.30
N ARG B 10 49.71 -1.12 3.13
CA ARG B 10 49.88 -0.30 1.94
C ARG B 10 48.56 0.31 1.50
N LEU B 11 47.48 -0.47 1.62
CA LEU B 11 46.17 0.02 1.21
C LEU B 11 45.69 1.17 2.09
N ARG B 12 46.03 1.13 3.38
CA ARG B 12 45.53 2.15 4.28
C ARG B 12 46.33 3.46 4.12
N SER B 13 47.61 3.36 3.79
CA SER B 13 48.41 4.55 3.54
C SER B 13 47.90 5.36 2.37
N VAL B 14 47.58 4.69 1.28
CA VAL B 14 47.00 5.37 0.14
C VAL B 14 45.62 5.92 0.53
N ALA B 15 44.91 5.21 1.40
CA ALA B 15 43.59 5.66 1.85
C ALA B 15 43.71 6.92 2.70
N GLU B 16 44.69 6.92 3.61
CA GLU B 16 44.94 8.04 4.51
C GLU B 16 45.33 9.29 3.71
N ASN B 17 46.24 9.09 2.78
CA ASN B 17 46.75 10.17 1.98
C ASN B 17 45.68 10.76 1.09
N LEU B 18 44.93 9.92 0.39
CA LEU B 18 43.87 10.43 -0.47
C LEU B 18 42.77 11.15 0.30
N ALA B 19 42.42 10.62 1.47
CA ALA B 19 41.41 11.22 2.33
C ALA B 19 41.84 12.60 2.74
N ALA B 20 43.10 12.71 3.16
CA ALA B 20 43.66 14.00 3.63
C ALA B 20 43.71 15.02 2.51
N GLU B 21 44.18 14.57 1.35
CA GLU B 21 44.19 15.39 0.15
C GLU B 21 42.81 15.91 -0.19
N ALA B 22 41.87 14.97 -0.27
CA ALA B 22 40.52 15.32 -0.69
C ALA B 22 39.86 16.29 0.31
N ALA B 23 40.14 16.10 1.59
CA ALA B 23 39.60 16.97 2.62
C ALA B 23 40.08 18.39 2.38
N ALA B 24 41.39 18.53 2.12
CA ALA B 24 41.98 19.85 1.83
C ALA B 24 41.30 20.53 0.63
N PHE B 25 40.96 19.73 -0.37
CA PHE B 25 40.35 20.23 -1.59
C PHE B 25 38.90 20.69 -1.34
N VAL B 26 38.17 19.87 -0.59
CA VAL B 26 36.78 20.19 -0.22
C VAL B 26 36.70 21.48 0.61
N ARG B 27 37.57 21.53 1.59
CA ARG B 27 37.73 22.66 2.47
C ARG B 27 37.97 23.93 1.67
N GLY B 28 38.81 23.83 0.66
CA GLY B 28 39.13 24.96 -0.21
C GLY B 28 38.02 25.29 -1.19
N ARG B 29 37.47 24.26 -1.81
CA ARG B 29 36.43 24.43 -2.81
C ARG B 29 35.15 25.01 -2.19
N ARG B 30 34.83 24.58 -0.98
CA ARG B 30 33.65 25.08 -0.29
C ARG B 30 33.75 26.61 -0.11
N ALA B 31 34.92 27.09 0.30
CA ALA B 31 35.13 28.52 0.50
C ALA B 31 34.92 29.31 -0.80
N GLU B 32 35.41 28.77 -1.92
CA GLU B 32 35.25 29.44 -3.22
C GLU B 32 33.78 29.51 -3.60
N VAL B 33 33.17 28.35 -3.74
CA VAL B 33 31.75 28.21 -4.10
C VAL B 33 30.78 29.00 -3.21
N PHE B 34 31.10 29.13 -1.92
CA PHE B 34 30.31 29.94 -0.98
C PHE B 34 31.06 31.22 -0.63
N ASP B 54 22.93 21.72 -5.86
CA ASP B 54 23.75 22.22 -6.97
C ASP B 54 25.15 22.67 -6.50
N PRO B 55 25.22 23.63 -5.55
CA PRO B 55 26.54 24.04 -5.08
C PRO B 55 27.31 22.90 -4.38
N VAL B 56 26.58 22.04 -3.68
CA VAL B 56 27.19 20.84 -3.11
C VAL B 56 27.41 19.77 -4.18
N THR B 57 26.55 19.74 -5.20
CA THR B 57 26.73 18.82 -6.34
C THR B 57 28.03 19.13 -7.05
N VAL B 58 28.38 20.41 -7.13
CA VAL B 58 29.58 20.85 -7.80
C VAL B 58 30.80 20.31 -7.06
N VAL B 59 30.90 20.60 -5.76
CA VAL B 59 32.07 20.22 -4.98
C VAL B 59 32.19 18.70 -4.86
N ASP B 60 31.05 18.06 -4.76
CA ASP B 60 31.03 16.62 -4.69
C ASP B 60 31.61 16.00 -5.95
N THR B 61 31.23 16.51 -7.11
CA THR B 61 31.73 15.99 -8.39
C THR B 61 33.22 16.27 -8.58
N ASP B 62 33.61 17.50 -8.28
CA ASP B 62 34.98 17.92 -8.40
C ASP B 62 35.89 17.01 -7.59
N THR B 63 35.50 16.74 -6.36
CA THR B 63 36.29 15.93 -5.42
C THR B 63 36.33 14.47 -5.84
N GLU B 64 35.22 14.01 -6.40
CA GLU B 64 35.15 12.68 -6.99
C GLU B 64 36.19 12.56 -8.10
N ARG B 65 36.28 13.60 -8.94
CA ARG B 65 37.25 13.64 -10.02
C ARG B 65 38.70 13.59 -9.52
N LEU B 66 38.99 14.39 -8.49
CA LEU B 66 40.31 14.40 -7.86
C LEU B 66 40.71 12.98 -7.42
N LEU B 67 39.79 12.32 -6.71
CA LEU B 67 40.04 10.99 -6.18
C LEU B 67 40.25 9.95 -7.29
N ARG B 68 39.41 10.02 -8.33
CA ARG B 68 39.52 9.10 -9.45
C ARG B 68 40.87 9.26 -10.15
N ASP B 69 41.26 10.51 -10.42
CA ASP B 69 42.54 10.80 -11.07
C ASP B 69 43.71 10.33 -10.24
N ARG B 70 43.71 10.66 -8.96
CA ARG B 70 44.80 10.26 -8.08
C ARG B 70 44.92 8.75 -7.97
N LEU B 71 43.77 8.07 -7.99
CA LEU B 71 43.75 6.62 -7.94
C LEU B 71 44.28 6.04 -9.25
N ALA B 72 44.00 6.72 -10.36
CA ALA B 72 44.54 6.30 -11.67
C ALA B 72 46.08 6.25 -11.66
N GLN B 73 46.70 7.19 -10.95
CA GLN B 73 48.14 7.32 -10.90
C GLN B 73 48.80 6.54 -9.78
N LEU B 74 48.12 6.39 -8.66
CA LEU B 74 48.64 5.61 -7.54
C LEU B 74 48.25 4.13 -7.59
N ARG B 75 47.03 3.83 -8.04
CA ARG B 75 46.52 2.46 -8.11
C ARG B 75 45.90 2.18 -9.49
N PRO B 76 46.75 2.12 -10.53
CA PRO B 76 46.39 2.03 -11.95
C PRO B 76 45.18 1.18 -12.37
N GLY B 77 45.21 -0.13 -12.11
CA GLY B 77 44.15 -1.00 -12.63
C GLY B 77 42.98 -1.23 -11.69
N ASP B 78 42.92 -0.48 -10.60
CA ASP B 78 41.92 -0.75 -9.57
C ASP B 78 40.55 -0.16 -9.88
N PRO B 79 39.50 -0.99 -9.78
CA PRO B 79 38.13 -0.52 -9.92
C PRO B 79 37.74 0.54 -8.89
N ILE B 80 36.82 1.41 -9.28
CA ILE B 80 36.33 2.46 -8.42
C ILE B 80 34.81 2.43 -8.40
N LEU B 81 34.24 2.10 -7.25
CA LEU B 81 32.81 2.28 -7.03
C LEU B 81 32.62 3.62 -6.33
N GLY B 82 32.13 4.62 -7.05
CA GLY B 82 31.88 5.92 -6.47
C GLY B 82 30.44 6.09 -6.04
N GLU B 83 30.15 7.24 -5.44
CA GLU B 83 28.79 7.66 -5.19
C GLU B 83 28.02 7.79 -6.52
N GLU B 84 28.76 7.72 -7.64
CA GLU B 84 28.21 7.84 -9.00
C GLU B 84 28.93 6.90 -10.00
N GLY B 85 28.90 5.60 -9.74
CA GLY B 85 29.55 4.59 -10.60
C GLY B 85 30.35 3.58 -9.81
N ARG B 98 42.36 -5.97 -8.67
CA ARG B 98 42.01 -6.75 -7.48
C ARG B 98 41.19 -5.93 -6.47
N VAL B 99 41.75 -4.79 -6.03
CA VAL B 99 41.14 -3.98 -4.97
C VAL B 99 40.15 -2.96 -5.54
N THR B 100 39.00 -2.81 -4.87
CA THR B 100 37.98 -1.86 -5.30
C THR B 100 37.92 -0.73 -4.29
N TRP B 101 38.06 0.50 -4.79
CA TRP B 101 38.00 1.67 -3.93
C TRP B 101 36.58 2.19 -3.89
N VAL B 102 36.00 2.15 -2.71
CA VAL B 102 34.64 2.61 -2.50
C VAL B 102 34.75 3.98 -1.90
N LEU B 103 34.08 4.97 -2.45
CA LEU B 103 34.25 6.30 -1.87
C LEU B 103 33.05 7.27 -1.90
N ASP B 104 33.09 8.19 -0.94
CA ASP B 104 32.17 9.32 -0.87
C ASP B 104 32.97 10.57 -0.57
N PRO B 105 33.03 11.49 -1.54
CA PRO B 105 33.75 12.75 -1.35
C PRO B 105 33.18 13.63 -0.24
N ILE B 106 31.85 13.64 -0.10
CA ILE B 106 31.19 14.43 0.93
C ILE B 106 30.03 13.64 1.55
N ASP B 107 30.32 12.99 2.67
CA ASP B 107 29.30 12.37 3.49
C ASP B 107 28.81 13.39 4.53
N GLY B 108 27.54 13.75 4.44
CA GLY B 108 26.96 14.82 5.25
C GLY B 108 26.78 16.05 4.39
N THR B 109 26.00 15.90 3.33
CA THR B 109 25.80 16.97 2.36
C THR B 109 24.92 18.08 2.91
N VAL B 110 23.98 17.71 3.76
CA VAL B 110 23.14 18.71 4.39
C VAL B 110 24.03 19.56 5.28
N ASN B 111 24.93 18.89 6.00
CA ASN B 111 25.85 19.56 6.92
C ASN B 111 26.75 20.53 6.17
N PHE B 112 27.31 20.03 5.07
CA PHE B 112 28.13 20.84 4.17
C PHE B 112 27.43 22.12 3.71
N VAL B 113 26.19 22.01 3.29
CA VAL B 113 25.45 23.15 2.78
C VAL B 113 25.17 24.19 3.88
N TYR B 114 24.90 23.72 5.10
CA TYR B 114 24.54 24.61 6.22
C TYR B 114 25.76 25.16 6.97
N GLY B 115 26.92 24.52 6.81
CA GLY B 115 28.12 24.92 7.53
C GLY B 115 28.28 24.24 8.89
N ILE B 116 27.62 23.12 9.10
CA ILE B 116 27.78 22.38 10.33
C ILE B 116 29.05 21.54 10.10
N PRO B 117 30.08 21.74 10.93
CA PRO B 117 31.37 21.06 10.76
C PRO B 117 31.30 19.57 11.08
N ALA B 118 30.59 18.85 10.25
CA ALA B 118 30.43 17.43 10.42
C ALA B 118 30.11 16.84 9.07
N TYR B 119 31.07 16.96 8.16
CA TYR B 119 31.05 16.24 6.90
C TYR B 119 32.40 15.61 6.68
N ALA B 120 32.44 14.54 5.90
CA ALA B 120 33.64 13.70 5.80
C ALA B 120 33.90 13.15 4.42
N VAL B 121 35.16 12.88 4.15
CA VAL B 121 35.59 12.12 2.98
C VAL B 121 35.78 10.69 3.48
N SER B 122 35.19 9.72 2.79
CA SER B 122 35.32 8.29 3.14
C SER B 122 35.93 7.52 1.98
N ILE B 123 36.98 6.76 2.27
CA ILE B 123 37.71 5.97 1.28
C ILE B 123 37.90 4.57 1.83
N GLY B 124 37.28 3.58 1.21
CA GLY B 124 37.39 2.19 1.65
C GLY B 124 38.05 1.33 0.59
N ALA B 125 38.88 0.39 1.02
CA ALA B 125 39.54 -0.56 0.13
C ALA B 125 38.94 -1.96 0.35
N GLN B 126 38.18 -2.40 -0.64
CA GLN B 126 37.46 -3.67 -0.55
C GLN B 126 38.08 -4.72 -1.46
N VAL B 127 38.03 -5.96 -0.99
CA VAL B 127 38.45 -7.13 -1.76
C VAL B 127 37.38 -8.22 -1.57
N GLY B 128 36.64 -8.51 -2.63
CA GLY B 128 35.55 -9.46 -2.58
C GLY B 128 34.39 -8.99 -1.71
N GLY B 129 34.18 -7.68 -1.63
CA GLY B 129 33.07 -7.13 -0.84
C GLY B 129 33.41 -6.92 0.62
N ILE B 130 34.62 -7.32 1.03
CA ILE B 130 35.08 -7.16 2.42
C ILE B 130 36.05 -5.98 2.49
N THR B 131 35.83 -5.09 3.45
CA THR B 131 36.69 -3.95 3.66
C THR B 131 37.96 -4.37 4.40
N VAL B 132 39.08 -4.15 3.73
CA VAL B 132 40.41 -4.53 4.21
C VAL B 132 41.16 -3.32 4.77
N ALA B 133 40.85 -2.12 4.28
CA ALA B 133 41.48 -0.90 4.76
C ALA B 133 40.58 0.28 4.48
N GLY B 134 40.75 1.35 5.25
CA GLY B 134 39.87 2.50 5.13
C GLY B 134 40.39 3.75 5.79
N ALA B 135 39.84 4.89 5.38
CA ALA B 135 40.17 6.18 5.98
C ALA B 135 38.99 7.12 5.87
N VAL B 136 38.65 7.77 6.97
CA VAL B 136 37.61 8.80 6.97
C VAL B 136 38.24 10.11 7.43
N ALA B 137 38.10 11.14 6.60
CA ALA B 137 38.65 12.42 6.91
C ALA B 137 37.54 13.32 7.44
N ASP B 138 37.71 13.82 8.66
CA ASP B 138 36.79 14.81 9.23
C ASP B 138 37.25 16.19 8.73
N VAL B 139 36.60 16.67 7.66
CA VAL B 139 37.09 17.80 6.93
C VAL B 139 37.28 19.05 7.78
N ALA B 140 36.26 19.44 8.54
CA ALA B 140 36.36 20.68 9.33
C ALA B 140 37.32 20.52 10.51
N ALA B 141 37.41 19.31 11.07
CA ALA B 141 38.29 19.07 12.21
C ALA B 141 39.77 18.97 11.77
N ARG B 142 40.01 18.74 10.48
CA ARG B 142 41.35 18.51 9.95
C ARG B 142 42.01 17.30 10.59
N THR B 143 41.24 16.22 10.73
CA THR B 143 41.75 14.97 11.31
C THR B 143 41.43 13.82 10.36
N VAL B 144 42.11 12.69 10.53
CA VAL B 144 41.86 11.53 9.68
C VAL B 144 41.87 10.24 10.50
N TYR B 145 40.78 9.49 10.40
CA TYR B 145 40.65 8.22 11.08
C TYR B 145 41.00 7.17 10.07
N SER B 146 41.72 6.13 10.49
CA SER B 146 42.04 5.04 9.57
C SER B 146 42.24 3.70 10.26
N ALA B 147 42.12 2.62 9.47
CA ALA B 147 42.31 1.28 9.96
C ALA B 147 42.64 0.32 8.82
N ALA B 148 43.15 -0.85 9.20
CA ALA B 148 43.38 -1.93 8.26
C ALA B 148 43.28 -3.27 9.00
N THR B 149 42.79 -4.31 8.32
CA THR B 149 42.54 -5.60 8.99
C THR B 149 43.77 -6.13 9.72
N GLY B 150 43.61 -6.34 11.02
CA GLY B 150 44.68 -6.87 11.85
C GLY B 150 45.69 -5.84 12.33
N LEU B 151 45.50 -4.58 11.93
CA LEU B 151 46.46 -3.54 12.24
C LEU B 151 45.97 -2.45 13.20
N GLY B 152 44.71 -2.52 13.62
CA GLY B 152 44.16 -1.52 14.53
C GLY B 152 43.63 -0.27 13.83
N ALA B 153 43.01 0.60 14.62
CA ALA B 153 42.44 1.85 14.14
C ALA B 153 43.20 3.02 14.76
N HIS B 154 43.54 4.03 13.96
CA HIS B 154 44.18 5.23 14.49
C HIS B 154 43.51 6.52 14.07
N LEU B 155 43.71 7.55 14.89
CA LEU B 155 43.31 8.93 14.58
C LEU B 155 44.60 9.72 14.41
N THR B 156 44.66 10.54 13.37
CA THR B 156 45.79 11.42 13.13
C THR B 156 45.34 12.87 13.13
N ASP B 157 46.01 13.68 13.95
CA ASP B 157 45.77 15.12 14.05
C ASP B 157 47.11 15.86 14.22
N GLU B 158 47.05 17.13 14.62
CA GLU B 158 48.28 17.94 14.83
C GLU B 158 49.25 17.30 15.84
N ARG B 159 48.69 16.69 16.88
CA ARG B 159 49.47 16.03 17.92
C ARG B 159 49.92 14.62 17.53
N GLY B 160 49.95 14.32 16.24
CA GLY B 160 50.42 13.03 15.76
C GLY B 160 49.34 11.95 15.79
N ARG B 161 49.78 10.70 15.70
CA ARG B 161 48.89 9.55 15.58
C ARG B 161 48.54 8.89 16.92
N HIS B 162 47.25 8.59 17.14
CA HIS B 162 46.78 7.98 18.38
C HIS B 162 46.03 6.67 18.10
N VAL B 163 46.08 5.74 19.05
CA VAL B 163 45.37 4.48 18.91
C VAL B 163 43.92 4.73 19.29
N LEU B 164 42.99 4.08 18.59
CA LEU B 164 41.58 4.19 18.90
C LEU B 164 41.06 2.95 19.58
N ARG B 165 40.23 3.17 20.60
CA ARG B 165 39.58 2.11 21.35
C ARG B 165 38.20 2.60 21.77
N CYS B 166 37.19 1.78 21.56
CA CYS B 166 35.84 2.15 21.97
C CYS B 166 35.69 2.00 23.47
N THR B 167 34.57 2.46 24.01
CA THR B 167 34.39 2.54 25.45
C THR B 167 34.16 1.16 26.06
N GLY B 168 34.09 1.09 27.38
CA GLY B 168 33.81 -0.16 28.08
C GLY B 168 32.48 -0.19 28.81
N VAL B 169 31.47 0.53 28.28
CA VAL B 169 30.14 0.55 28.88
C VAL B 169 29.53 -0.84 28.98
N ASP B 170 28.82 -1.09 30.09
CA ASP B 170 28.12 -2.37 30.33
C ASP B 170 26.60 -2.23 30.26
N GLU B 171 26.08 -1.16 30.84
CA GLU B 171 24.66 -0.94 30.88
C GLU B 171 24.21 -0.05 29.73
N LEU B 172 23.32 -0.58 28.90
CA LEU B 172 22.74 0.16 27.78
C LEU B 172 22.10 1.48 28.23
N SER B 173 21.67 1.55 29.48
CA SER B 173 21.12 2.79 30.03
C SER B 173 22.20 3.83 30.26
N MET B 174 23.46 3.43 30.12
CA MET B 174 24.60 4.29 30.30
C MET B 174 25.26 4.66 28.96
N ALA B 175 24.67 4.19 27.87
CA ALA B 175 25.28 4.32 26.56
C ALA B 175 24.78 5.57 25.82
N LEU B 176 25.70 6.28 25.17
CA LEU B 176 25.36 7.40 24.31
C LEU B 176 25.25 6.89 22.88
N LEU B 177 24.06 7.01 22.32
CA LEU B 177 23.74 6.40 21.04
C LEU B 177 23.62 7.46 19.95
N GLY B 178 24.26 7.22 18.82
CA GLY B 178 24.10 8.06 17.66
C GLY B 178 23.19 7.41 16.65
N THR B 179 22.37 8.20 15.97
CA THR B 179 21.54 7.69 14.90
C THR B 179 21.45 8.65 13.73
N GLY B 180 20.89 8.15 12.63
CA GLY B 180 20.56 8.96 11.47
C GLY B 180 19.34 8.43 10.74
N PHE B 181 18.98 9.08 9.63
CA PHE B 181 17.87 8.65 8.76
C PHE B 181 18.31 7.90 7.48
N GLY B 182 18.73 8.61 6.43
CA GLY B 182 19.30 7.95 5.24
C GLY B 182 18.84 8.41 3.86
N TYR B 183 18.73 7.43 2.95
CA TYR B 183 18.15 7.64 1.60
C TYR B 183 16.70 7.14 1.55
N SER B 184 16.34 6.21 2.44
CA SER B 184 14.95 5.77 2.61
C SER B 184 14.11 6.94 3.14
N VAL B 185 13.66 7.80 2.21
CA VAL B 185 13.13 9.14 2.53
C VAL B 185 11.65 9.20 2.98
N ARG B 186 10.78 8.38 2.38
CA ARG B 186 9.33 8.46 2.67
C ARG B 186 8.95 8.03 4.09
N CYS B 187 9.35 6.84 4.50
CA CYS B 187 8.87 6.24 5.75
C CYS B 187 9.43 6.85 7.04
N ARG B 188 10.40 7.75 6.93
CA ARG B 188 11.19 8.27 8.08
C ARG B 188 10.50 8.23 9.45
N GLU B 189 9.18 8.46 9.46
CA GLU B 189 8.44 8.47 10.71
C GLU B 189 8.50 7.12 11.46
N LYS B 190 8.55 6.00 10.74
CA LYS B 190 8.73 4.68 11.37
C LYS B 190 10.08 4.55 12.09
N GLN B 191 11.15 5.04 11.47
CA GLN B 191 12.47 5.03 12.09
C GLN B 191 12.47 5.89 13.36
N ALA B 192 11.78 7.03 13.30
CA ALA B 192 11.64 7.93 14.44
C ALA B 192 10.81 7.29 15.56
N GLU B 193 9.78 6.57 15.14
CA GLU B 193 8.91 5.84 16.04
C GLU B 193 9.75 4.80 16.79
N LEU B 194 10.52 4.04 16.02
CA LEU B 194 11.41 3.01 16.57
C LEU B 194 12.35 3.60 17.60
N LEU B 195 12.92 4.76 17.29
CA LEU B 195 13.90 5.41 18.18
C LEU B 195 13.28 5.85 19.51
N ALA B 196 12.08 6.41 19.44
CA ALA B 196 11.38 6.80 20.66
C ALA B 196 11.28 5.62 21.64
N HIS B 197 11.14 4.40 21.11
CA HIS B 197 11.11 3.20 21.96
C HIS B 197 12.46 2.92 22.63
N VAL B 198 13.56 3.13 21.90
CA VAL B 198 14.90 2.87 22.47
C VAL B 198 15.42 4.04 23.32
N VAL B 199 14.87 5.23 23.10
CA VAL B 199 15.28 6.43 23.83
C VAL B 199 15.37 6.28 25.35
N PRO B 200 14.32 5.74 25.98
CA PRO B 200 14.40 5.55 27.43
C PRO B 200 15.35 4.43 27.90
N LEU B 201 15.80 3.56 27.00
CA LEU B 201 16.72 2.47 27.37
C LEU B 201 18.17 2.90 27.34
N VAL B 202 18.42 4.15 26.92
CA VAL B 202 19.79 4.64 26.77
C VAL B 202 20.01 6.00 27.42
N ARG B 203 21.27 6.24 27.74
CA ARG B 203 21.72 7.47 28.40
C ARG B 203 21.20 8.73 27.71
N ASP B 204 21.50 8.87 26.42
CA ASP B 204 21.03 9.99 25.60
C ASP B 204 21.23 9.64 24.13
N VAL B 205 20.74 10.50 23.24
CA VAL B 205 20.85 10.27 21.81
C VAL B 205 21.56 11.45 21.09
N ARG B 206 22.31 11.14 20.05
CA ARG B 206 22.95 12.15 19.23
C ARG B 206 22.55 11.94 17.77
N ARG B 207 22.25 13.04 17.08
CA ARG B 207 21.94 13.01 15.65
C ARG B 207 22.76 14.10 14.93
N ILE B 208 23.84 13.66 14.29
CA ILE B 208 24.91 14.55 13.82
C ILE B 208 24.92 14.82 12.31
N GLY B 209 24.40 13.90 11.50
CA GLY B 209 24.27 14.12 10.05
C GLY B 209 25.36 13.50 9.21
N SER B 210 26.15 12.59 9.79
CA SER B 210 27.17 11.88 9.02
C SER B 210 27.48 10.46 9.53
N ALA B 211 27.10 9.47 8.75
CA ALA B 211 27.29 8.09 9.15
C ALA B 211 28.77 7.78 9.29
N ALA B 212 29.55 8.28 8.35
CA ALA B 212 30.98 8.02 8.38
C ALA B 212 31.53 8.50 9.72
N LEU B 213 31.15 9.71 10.11
CA LEU B 213 31.66 10.31 11.35
C LEU B 213 31.13 9.61 12.62
N ASP B 214 29.90 9.10 12.56
CA ASP B 214 29.30 8.39 13.70
C ASP B 214 30.09 7.12 13.98
N LEU B 215 30.40 6.40 12.91
CA LEU B 215 31.17 5.18 13.05
C LEU B 215 32.51 5.52 13.68
N CYS B 216 33.12 6.64 13.28
CA CYS B 216 34.43 7.01 13.84
C CYS B 216 34.31 7.44 15.30
N MET B 217 33.22 8.11 15.64
CA MET B 217 33.00 8.51 17.03
C MET B 217 32.95 7.28 17.92
N VAL B 218 32.29 6.23 17.43
CA VAL B 218 32.20 5.00 18.18
C VAL B 218 33.60 4.42 18.37
N ALA B 219 34.40 4.42 17.31
CA ALA B 219 35.78 3.95 17.38
C ALA B 219 36.60 4.75 18.39
N ALA B 220 36.40 6.07 18.39
CA ALA B 220 37.16 6.98 19.27
C ALA B 220 36.67 6.98 20.71
N GLY B 221 35.44 6.52 20.93
CA GLY B 221 34.82 6.53 22.25
C GLY B 221 33.94 7.75 22.49
N ARG B 222 33.61 8.49 21.44
CA ARG B 222 32.77 9.68 21.58
C ARG B 222 31.29 9.34 21.55
N LEU B 223 30.98 8.16 21.04
CA LEU B 223 29.68 7.53 21.17
C LEU B 223 29.91 6.10 21.67
N ASP B 224 28.94 5.57 22.40
CA ASP B 224 29.00 4.18 22.87
C ASP B 224 28.42 3.22 21.83
N ALA B 225 27.51 3.72 21.00
CA ALA B 225 26.97 2.95 19.90
C ALA B 225 26.39 3.83 18.81
N TYR B 226 26.12 3.19 17.68
CA TYR B 226 25.53 3.86 16.55
C TYR B 226 24.60 2.91 15.84
N TYR B 227 23.44 3.44 15.44
CA TYR B 227 22.46 2.68 14.70
C TYR B 227 21.82 3.51 13.59
N GLU B 228 21.86 3.00 12.37
CA GLU B 228 21.14 3.61 11.27
C GLU B 228 20.58 2.58 10.30
N HIS B 229 19.36 2.84 9.85
CA HIS B 229 18.66 2.00 8.88
C HIS B 229 18.66 2.66 7.49
N GLY B 230 19.46 2.12 6.57
CA GLY B 230 19.49 2.59 5.18
C GLY B 230 20.70 3.46 4.86
N VAL B 231 21.89 2.88 5.00
CA VAL B 231 23.13 3.58 4.78
C VAL B 231 23.84 3.01 3.56
N GLN B 232 24.17 3.87 2.60
CA GLN B 232 24.86 3.44 1.40
C GLN B 232 26.21 2.82 1.77
N VAL B 233 26.70 1.90 0.96
CA VAL B 233 27.96 1.19 1.23
C VAL B 233 29.16 2.12 1.31
N TRP B 234 29.18 3.14 0.46
CA TRP B 234 30.29 4.09 0.38
C TRP B 234 30.38 5.05 1.56
N ASP B 235 29.34 5.09 2.40
CA ASP B 235 29.35 5.90 3.61
C ASP B 235 29.68 5.13 4.87
N CYS B 236 29.57 3.81 4.84
CA CYS B 236 29.85 3.05 6.04
C CYS B 236 30.95 2.00 5.92
N ALA B 237 31.39 1.71 4.70
CA ALA B 237 32.41 0.69 4.48
C ALA B 237 33.68 0.96 5.28
N ALA B 238 34.26 2.15 5.06
CA ALA B 238 35.47 2.56 5.78
C ALA B 238 35.26 2.64 7.30
N GLY B 239 34.28 3.44 7.72
CA GLY B 239 34.00 3.62 9.13
C GLY B 239 33.79 2.33 9.87
N ALA B 240 33.05 1.42 9.24
CA ALA B 240 32.71 0.14 9.86
C ALA B 240 33.97 -0.60 10.28
N LEU B 241 34.96 -0.66 9.38
CA LEU B 241 36.24 -1.33 9.65
C LEU B 241 36.98 -0.63 10.78
N ILE B 242 36.94 0.69 10.77
CA ILE B 242 37.60 1.51 11.77
C ILE B 242 37.02 1.15 13.13
N ALA B 243 35.70 1.27 13.27
CA ALA B 243 35.03 0.88 14.52
C ALA B 243 35.40 -0.55 14.95
N ALA B 244 35.39 -1.47 13.99
CA ALA B 244 35.67 -2.87 14.28
C ALA B 244 37.10 -3.02 14.78
N GLU B 245 38.04 -2.38 14.11
CA GLU B 245 39.44 -2.45 14.53
C GLU B 245 39.69 -1.73 15.86
N ALA B 246 38.72 -0.96 16.33
CA ALA B 246 38.80 -0.28 17.61
C ALA B 246 38.17 -1.17 18.72
N GLY B 247 37.75 -2.38 18.34
CA GLY B 247 37.16 -3.34 19.28
C GLY B 247 35.64 -3.32 19.32
N ALA B 248 35.01 -2.51 18.48
CA ALA B 248 33.54 -2.41 18.49
C ALA B 248 32.90 -3.58 17.80
N ARG B 249 31.70 -3.90 18.25
CA ARG B 249 30.87 -4.89 17.63
C ARG B 249 30.15 -4.23 16.47
N VAL B 250 30.34 -4.73 15.27
CA VAL B 250 29.76 -4.10 14.10
C VAL B 250 29.07 -5.14 13.24
N LEU B 251 27.83 -4.86 12.83
CA LEU B 251 27.16 -5.73 11.87
C LEU B 251 26.42 -4.93 10.82
N LEU B 252 26.56 -5.39 9.57
CA LEU B 252 25.98 -4.75 8.39
C LEU B 252 24.96 -5.66 7.75
N SER B 253 23.70 -5.47 8.13
CA SER B 253 22.59 -6.25 7.61
C SER B 253 22.08 -5.60 6.34
N ALA B 260 18.09 0.25 -1.48
CA ALA B 260 19.35 -0.45 -1.75
C ALA B 260 20.44 -0.30 -0.66
N GLY B 261 20.18 0.49 0.39
CA GLY B 261 21.17 0.73 1.46
C GLY B 261 21.34 -0.45 2.40
N LEU B 262 22.06 -0.22 3.51
CA LEU B 262 22.30 -1.27 4.53
C LEU B 262 21.77 -0.86 5.89
N VAL B 263 21.65 -1.85 6.77
CA VAL B 263 21.36 -1.62 8.18
C VAL B 263 22.65 -1.77 8.96
N VAL B 264 23.02 -0.73 9.70
CA VAL B 264 24.30 -0.68 10.40
C VAL B 264 24.06 -0.61 11.91
N VAL B 265 24.73 -1.51 12.64
CA VAL B 265 24.81 -1.41 14.08
C VAL B 265 26.27 -1.50 14.49
N ALA B 266 26.74 -0.50 15.25
CA ALA B 266 28.09 -0.48 15.77
C ALA B 266 28.02 -0.08 17.24
N ALA B 267 28.63 -0.87 18.11
CA ALA B 267 28.51 -0.63 19.55
C ALA B 267 29.70 -1.19 20.29
N ALA B 268 30.03 -0.53 21.41
CA ALA B 268 31.01 -1.06 22.33
C ALA B 268 30.57 -2.47 22.72
N PRO B 269 31.52 -3.42 22.83
CA PRO B 269 31.22 -4.85 22.97
C PRO B 269 30.39 -5.20 24.21
N GLY B 270 30.64 -4.51 25.30
CA GLY B 270 29.94 -4.77 26.55
C GLY B 270 28.46 -4.45 26.50
N ILE B 271 27.99 -3.85 25.40
CA ILE B 271 26.62 -3.37 25.30
C ILE B 271 25.91 -3.75 24.01
N ALA B 272 26.61 -4.49 23.15
CA ALA B 272 26.12 -4.85 21.83
C ALA B 272 24.90 -5.76 21.87
N ASP B 273 24.99 -6.86 22.61
CA ASP B 273 23.87 -7.80 22.72
C ASP B 273 22.63 -7.11 23.26
N GLU B 274 22.79 -6.41 24.36
CA GLU B 274 21.68 -5.70 24.97
C GLU B 274 21.02 -4.70 24.01
N LEU B 275 21.81 -4.08 23.14
CA LEU B 275 21.28 -3.12 22.17
C LEU B 275 20.57 -3.80 21.01
N LEU B 276 21.19 -4.88 20.50
CA LEU B 276 20.59 -5.65 19.40
C LEU B 276 19.23 -6.21 19.82
N ALA B 277 19.13 -6.71 21.05
CA ALA B 277 17.88 -7.25 21.58
C ALA B 277 16.79 -6.18 21.55
N ALA B 278 17.05 -5.05 22.16
CA ALA B 278 16.11 -3.92 22.18
C ALA B 278 15.68 -3.51 20.77
N LEU B 279 16.61 -3.53 19.81
CA LEU B 279 16.30 -3.17 18.42
C LEU B 279 15.36 -4.20 17.78
N GLN B 280 15.75 -5.47 17.87
CA GLN B 280 14.92 -6.57 17.35
C GLN B 280 13.53 -6.52 17.96
N ARG B 281 13.50 -6.38 19.28
CA ARG B 281 12.27 -6.23 20.03
C ARG B 281 11.29 -5.21 19.43
N PHE B 282 11.79 -4.24 18.66
CA PHE B 282 10.94 -3.25 17.99
C PHE B 282 11.07 -3.24 16.46
N ASN B 283 11.82 -4.19 15.89
CA ASN B 283 12.07 -4.26 14.44
C ASN B 283 12.86 -3.09 13.86
N GLY B 284 14.18 -3.19 13.95
CA GLY B 284 15.08 -2.19 13.38
C GLY B 284 16.39 -2.74 12.86
N LEU B 285 16.85 -3.85 13.46
CA LEU B 285 18.09 -4.52 13.06
C LEU B 285 17.90 -5.46 11.85
N GLU B 286 16.78 -5.32 11.15
CA GLU B 286 16.47 -6.16 10.00
C GLU B 286 16.04 -5.34 8.79
N ASP C 5 -17.20 21.31 -32.13
CA ASP C 5 -16.50 22.62 -32.24
C ASP C 5 -15.27 22.68 -31.36
N ASN C 6 -15.52 22.79 -30.07
CA ASN C 6 -14.53 22.86 -28.99
C ASN C 6 -15.21 23.31 -27.67
N GLU C 7 -16.54 23.31 -27.68
CA GLU C 7 -17.37 23.68 -26.56
C GLU C 7 -17.52 22.43 -25.73
N PRO C 8 -17.86 22.60 -24.44
CA PRO C 8 -17.97 21.47 -23.51
C PRO C 8 -18.85 20.31 -24.01
N ALA C 9 -20.01 20.65 -24.56
CA ALA C 9 -20.94 19.63 -25.06
C ALA C 9 -20.26 18.74 -26.10
N ARG C 10 -19.53 19.35 -27.02
CA ARG C 10 -18.82 18.61 -28.06
C ARG C 10 -17.70 17.79 -27.44
N LEU C 11 -17.02 18.37 -26.46
CA LEU C 11 -15.89 17.72 -25.84
C LEU C 11 -16.32 16.48 -25.05
N ARG C 12 -17.52 16.51 -24.48
CA ARG C 12 -17.97 15.40 -23.66
C ARG C 12 -18.44 14.23 -24.54
N SER C 13 -19.02 14.54 -25.70
CA SER C 13 -19.44 13.50 -26.64
C SER C 13 -18.28 12.65 -27.11
N VAL C 14 -17.20 13.30 -27.50
CA VAL C 14 -16.00 12.60 -27.94
C VAL C 14 -15.40 11.85 -26.74
N ALA C 15 -15.53 12.42 -25.54
CA ALA C 15 -15.09 11.76 -24.34
C ALA C 15 -15.91 10.48 -24.07
N GLU C 16 -17.23 10.60 -24.21
CA GLU C 16 -18.16 9.50 -23.96
C GLU C 16 -17.89 8.36 -24.93
N ASN C 17 -17.76 8.74 -26.18
CA ASN C 17 -17.56 7.79 -27.25
C ASN C 17 -16.25 7.05 -27.14
N LEU C 18 -15.20 7.80 -26.87
CA LEU C 18 -13.90 7.20 -26.72
C LEU C 18 -13.84 6.27 -25.49
N ALA C 19 -14.41 6.72 -24.37
CA ALA C 19 -14.48 5.91 -23.17
C ALA C 19 -15.19 4.58 -23.42
N ALA C 20 -16.34 4.66 -24.12
CA ALA C 20 -17.17 3.49 -24.43
C ALA C 20 -16.44 2.50 -25.36
N GLU C 21 -15.84 3.04 -26.42
CA GLU C 21 -15.01 2.25 -27.31
C GLU C 21 -13.91 1.53 -26.56
N ALA C 22 -13.13 2.30 -25.78
CA ALA C 22 -11.95 1.77 -25.14
C ALA C 22 -12.32 0.69 -24.11
N ALA C 23 -13.47 0.88 -23.45
CA ALA C 23 -13.98 -0.09 -22.50
C ALA C 23 -14.23 -1.42 -23.22
N ALA C 24 -14.88 -1.32 -24.37
CA ALA C 24 -15.15 -2.48 -25.22
C ALA C 24 -13.89 -3.23 -25.63
N PHE C 25 -12.83 -2.48 -25.91
CA PHE C 25 -11.54 -3.03 -26.32
C PHE C 25 -10.86 -3.72 -25.13
N VAL C 26 -10.85 -3.07 -23.97
CA VAL C 26 -10.24 -3.61 -22.77
C VAL C 26 -10.91 -4.95 -22.37
N ARG C 27 -12.22 -4.89 -22.38
CA ARG C 27 -13.08 -6.00 -22.07
C ARG C 27 -12.74 -7.18 -22.96
N GLY C 28 -12.51 -6.90 -24.24
CA GLY C 28 -12.13 -7.94 -25.19
C GLY C 28 -10.69 -8.42 -25.03
N ARG C 29 -9.77 -7.48 -24.88
CA ARG C 29 -8.34 -7.78 -24.80
C ARG C 29 -8.02 -8.56 -23.54
N ARG C 30 -8.70 -8.22 -22.45
CA ARG C 30 -8.50 -8.94 -21.19
C ARG C 30 -8.84 -10.42 -21.32
N ALA C 31 -9.94 -10.74 -22.00
CA ALA C 31 -10.33 -12.13 -22.23
C ALA C 31 -9.27 -12.89 -23.07
N GLU C 32 -8.70 -12.23 -24.08
CA GLU C 32 -7.66 -12.87 -24.91
C GLU C 32 -6.41 -13.17 -24.06
N VAL C 33 -5.82 -12.10 -23.53
CA VAL C 33 -4.60 -12.17 -22.72
C VAL C 33 -4.70 -13.14 -21.54
N PHE C 34 -5.89 -13.25 -20.94
CA PHE C 34 -6.15 -14.21 -19.86
C PHE C 34 -7.03 -15.36 -20.35
N ASP C 54 3.01 -7.07 -16.43
CA ASP C 54 3.26 -7.39 -17.84
C ASP C 54 1.97 -7.65 -18.64
N PRO C 55 1.14 -8.63 -18.22
CA PRO C 55 -0.13 -8.85 -18.94
C PRO C 55 -1.07 -7.64 -18.88
N VAL C 56 -1.07 -6.93 -17.76
CA VAL C 56 -1.82 -5.66 -17.67
C VAL C 56 -1.08 -4.56 -18.41
N THR C 57 0.25 -4.62 -18.43
CA THR C 57 1.06 -3.64 -19.17
C THR C 57 0.71 -3.69 -20.65
N VAL C 58 0.44 -4.89 -21.13
CA VAL C 58 0.15 -5.09 -22.53
C VAL C 58 -1.16 -4.43 -22.90
N VAL C 59 -2.22 -4.73 -22.15
CA VAL C 59 -3.55 -4.21 -22.46
C VAL C 59 -3.57 -2.69 -22.25
N ASP C 60 -2.89 -2.24 -21.21
CA ASP C 60 -2.81 -0.82 -20.90
C ASP C 60 -2.21 -0.04 -22.08
N THR C 61 -1.11 -0.55 -22.64
CA THR C 61 -0.44 0.07 -23.79
C THR C 61 -1.29 0.03 -25.05
N ASP C 62 -1.88 -1.13 -25.32
CA ASP C 62 -2.70 -1.33 -26.50
C ASP C 62 -3.85 -0.34 -26.52
N THR C 63 -4.50 -0.18 -25.37
CA THR C 63 -5.65 0.69 -25.23
C THR C 63 -5.24 2.16 -25.31
N GLU C 64 -4.06 2.45 -24.78
CA GLU C 64 -3.48 3.78 -24.89
C GLU C 64 -3.34 4.10 -26.39
N ARG C 65 -2.82 3.13 -27.15
CA ARG C 65 -2.63 3.30 -28.59
C ARG C 65 -3.95 3.53 -29.33
N LEU C 66 -4.97 2.75 -28.99
CA LEU C 66 -6.31 2.93 -29.55
C LEU C 66 -6.78 4.40 -29.36
N LEU C 67 -6.66 4.90 -28.13
CA LEU C 67 -7.15 6.22 -27.78
C LEU C 67 -6.37 7.30 -28.53
N ARG C 68 -5.05 7.13 -28.61
CA ARG C 68 -4.19 8.11 -29.28
C ARG C 68 -4.52 8.20 -30.77
N ASP C 69 -4.70 7.06 -31.40
CA ASP C 69 -5.07 7.00 -32.80
C ASP C 69 -6.42 7.63 -33.03
N ARG C 70 -7.42 7.23 -32.24
CA ARG C 70 -8.76 7.76 -32.40
C ARG C 70 -8.80 9.28 -32.19
N LEU C 71 -7.96 9.76 -31.28
CA LEU C 71 -7.87 11.19 -31.01
C LEU C 71 -7.18 11.91 -32.15
N ALA C 72 -6.24 11.24 -32.82
CA ALA C 72 -5.59 11.80 -34.01
C ALA C 72 -6.59 12.08 -35.14
N GLN C 73 -7.59 11.23 -35.26
CA GLN C 73 -8.58 11.33 -36.33
C GLN C 73 -9.74 12.21 -35.94
N LEU C 74 -10.16 12.16 -34.68
CA LEU C 74 -11.31 12.96 -34.22
C LEU C 74 -10.93 14.37 -33.75
N ARG C 75 -9.77 14.48 -33.09
CA ARG C 75 -9.28 15.75 -32.56
C ARG C 75 -7.81 15.97 -32.98
N PRO C 76 -7.58 16.21 -34.28
CA PRO C 76 -6.27 16.30 -34.94
C PRO C 76 -5.11 16.98 -34.19
N GLY C 77 -5.23 18.26 -33.86
CA GLY C 77 -4.07 18.97 -33.30
C GLY C 77 -3.99 18.99 -31.79
N ASP C 78 -4.83 18.17 -31.13
CA ASP C 78 -4.93 18.23 -29.67
C ASP C 78 -3.84 17.45 -28.95
N PRO C 79 -3.19 18.08 -27.97
CA PRO C 79 -2.23 17.43 -27.10
C PRO C 79 -2.81 16.30 -26.26
N ILE C 80 -1.99 15.28 -26.01
CA ILE C 80 -2.38 14.10 -25.26
C ILE C 80 -1.39 13.90 -24.13
N LEU C 81 -1.86 14.08 -22.89
CA LEU C 81 -1.11 13.67 -21.70
C LEU C 81 -1.61 12.29 -21.27
N GLY C 82 -0.84 11.26 -21.57
CA GLY C 82 -1.22 9.92 -21.19
C GLY C 82 -0.59 9.50 -19.88
N GLU C 83 -0.94 8.31 -19.43
CA GLU C 83 -0.28 7.70 -18.29
C GLU C 83 1.22 7.48 -18.62
N GLU C 84 1.58 7.73 -19.89
CA GLU C 84 2.95 7.57 -20.39
C GLU C 84 3.33 8.65 -21.45
N GLY C 85 3.23 9.92 -21.07
CA GLY C 85 3.51 11.04 -21.98
C GLY C 85 2.47 12.15 -21.91
N ARG C 98 -6.15 25.90 -26.54
CA ARG C 98 -6.07 24.53 -27.05
C ARG C 98 -6.31 23.41 -26.00
N VAL C 99 -7.11 22.39 -26.36
CA VAL C 99 -7.52 21.34 -25.40
C VAL C 99 -6.44 20.29 -25.21
N THR C 100 -6.40 19.67 -24.04
CA THR C 100 -5.49 18.56 -23.76
C THR C 100 -6.26 17.37 -23.21
N TRP C 101 -6.07 16.19 -23.83
CA TRP C 101 -6.78 15.00 -23.40
C TRP C 101 -5.93 14.24 -22.40
N VAL C 102 -6.44 14.14 -21.18
CA VAL C 102 -5.74 13.48 -20.09
C VAL C 102 -6.41 12.14 -19.97
N LEU C 103 -5.61 11.07 -19.99
CA LEU C 103 -6.23 9.75 -19.96
C LEU C 103 -5.51 8.59 -19.27
N ASP C 104 -6.34 7.66 -18.78
CA ASP C 104 -5.89 6.41 -18.19
C ASP C 104 -6.73 5.28 -18.77
N PRO C 105 -6.10 4.43 -19.59
CA PRO C 105 -6.80 3.30 -20.18
C PRO C 105 -7.34 2.29 -19.16
N ILE C 106 -6.59 2.07 -18.09
CA ILE C 106 -7.00 1.14 -17.04
C ILE C 106 -6.64 1.70 -15.66
N ASP C 107 -7.60 2.39 -15.06
CA ASP C 107 -7.49 2.81 -13.67
C ASP C 107 -8.05 1.69 -12.78
N GLY C 108 -7.17 1.12 -11.95
CA GLY C 108 -7.50 -0.05 -11.17
C GLY C 108 -6.85 -1.26 -11.76
N THR C 109 -5.52 -1.22 -11.89
CA THR C 109 -4.73 -2.26 -12.52
C THR C 109 -4.61 -3.52 -11.66
N VAL C 110 -4.61 -3.34 -10.33
CA VAL C 110 -4.64 -4.46 -9.41
C VAL C 110 -5.95 -5.20 -9.57
N ASN C 111 -7.04 -4.44 -9.65
CA ASN C 111 -8.37 -4.98 -9.85
C ASN C 111 -8.45 -5.77 -11.15
N PHE C 112 -7.98 -5.14 -12.22
CA PHE C 112 -7.90 -5.76 -13.54
C PHE C 112 -7.21 -7.11 -13.52
N VAL C 113 -6.07 -7.18 -12.84
CA VAL C 113 -5.28 -8.41 -12.77
C VAL C 113 -6.00 -9.52 -12.00
N TYR C 114 -6.69 -9.16 -10.91
CA TYR C 114 -7.37 -10.13 -10.05
C TYR C 114 -8.80 -10.48 -10.48
N GLY C 115 -9.37 -9.71 -11.39
CA GLY C 115 -10.73 -9.96 -11.84
C GLY C 115 -11.76 -9.39 -10.89
N ILE C 116 -11.41 -8.35 -10.18
CA ILE C 116 -12.41 -7.60 -9.42
C ILE C 116 -13.00 -6.53 -10.35
N PRO C 117 -14.32 -6.60 -10.64
CA PRO C 117 -15.00 -5.71 -11.61
C PRO C 117 -15.08 -4.30 -11.16
N ALA C 118 -13.94 -3.65 -11.12
CA ALA C 118 -13.86 -2.28 -10.67
C ALA C 118 -12.57 -1.68 -11.21
N TYR C 119 -12.52 -1.63 -12.54
CA TYR C 119 -11.49 -0.88 -13.25
C TYR C 119 -12.15 -0.05 -14.31
N ALA C 120 -11.52 1.05 -14.69
CA ALA C 120 -12.19 2.08 -15.50
C ALA C 120 -11.28 2.74 -16.53
N VAL C 121 -11.89 3.16 -17.63
CA VAL C 121 -11.24 4.04 -18.61
C VAL C 121 -11.61 5.46 -18.23
N SER C 122 -10.63 6.33 -18.07
CA SER C 122 -10.85 7.74 -17.73
C SER C 122 -10.31 8.63 -18.86
N ILE C 123 -11.18 9.55 -19.33
CA ILE C 123 -10.86 10.50 -20.39
C ILE C 123 -11.30 11.90 -19.94
N GLY C 124 -10.34 12.79 -19.73
CA GLY C 124 -10.62 14.17 -19.35
C GLY C 124 -10.18 15.17 -20.40
N ALA C 125 -10.97 16.22 -20.57
CA ALA C 125 -10.68 17.28 -21.54
C ALA C 125 -10.34 18.53 -20.74
N GLN C 126 -9.07 18.91 -20.79
CA GLN C 126 -8.58 20.05 -20.03
C GLN C 126 -8.20 21.22 -20.90
N VAL C 127 -8.45 22.43 -20.39
CA VAL C 127 -8.07 23.67 -21.04
C VAL C 127 -7.45 24.55 -19.96
N GLY C 128 -6.14 24.79 -20.09
CA GLY C 128 -5.39 25.54 -19.11
C GLY C 128 -5.32 24.88 -17.74
N GLY C 129 -5.33 23.55 -17.72
CA GLY C 129 -5.25 22.79 -16.47
C GLY C 129 -6.59 22.60 -15.76
N ILE C 130 -7.66 23.17 -16.33
CA ILE C 130 -9.01 23.01 -15.80
C ILE C 130 -9.74 21.97 -16.64
N THR C 131 -10.42 21.05 -15.97
CA THR C 131 -11.24 20.04 -16.65
C THR C 131 -12.60 20.61 -17.07
N VAL C 132 -12.83 20.61 -18.39
CA VAL C 132 -14.03 21.17 -19.00
C VAL C 132 -15.05 20.08 -19.34
N ALA C 133 -14.56 18.87 -19.60
CA ALA C 133 -15.41 17.73 -19.93
C ALA C 133 -14.70 16.43 -19.57
N GLY C 134 -15.47 15.38 -19.37
CA GLY C 134 -14.87 14.12 -18.95
C GLY C 134 -15.79 12.94 -19.07
N ALA C 135 -15.20 11.76 -19.12
CA ALA C 135 -15.96 10.51 -19.18
C ALA C 135 -15.19 9.41 -18.47
N VAL C 136 -15.89 8.67 -17.63
CA VAL C 136 -15.29 7.49 -17.01
C VAL C 136 -16.15 6.29 -17.35
N ALA C 137 -15.54 5.29 -17.97
CA ALA C 137 -16.24 4.07 -18.35
C ALA C 137 -15.96 3.01 -17.32
N ASP C 138 -17.01 2.48 -16.69
CA ASP C 138 -16.91 1.34 -15.77
C ASP C 138 -16.94 0.05 -16.61
N VAL C 139 -15.75 -0.49 -16.90
CA VAL C 139 -15.62 -1.51 -17.92
C VAL C 139 -16.46 -2.76 -17.65
N ALA C 140 -16.41 -3.30 -16.45
CA ALA C 140 -17.17 -4.53 -16.18
C ALA C 140 -18.67 -4.27 -16.09
N ALA C 141 -19.07 -3.08 -15.67
CA ALA C 141 -20.49 -2.74 -15.54
C ALA C 141 -21.14 -2.43 -16.87
N ARG C 142 -20.32 -2.10 -17.87
CA ARG C 142 -20.79 -1.63 -19.17
C ARG C 142 -21.63 -0.35 -19.05
N THR C 143 -21.11 0.60 -18.30
CA THR C 143 -21.76 1.87 -18.11
C THR C 143 -20.76 2.99 -18.32
N VAL C 144 -21.25 4.19 -18.61
CA VAL C 144 -20.37 5.34 -18.80
C VAL C 144 -20.88 6.56 -18.05
N TYR C 145 -20.04 7.13 -17.20
CA TYR C 145 -20.34 8.36 -16.47
C TYR C 145 -19.70 9.50 -17.23
N SER C 146 -20.42 10.63 -17.37
CA SER C 146 -19.85 11.80 -18.02
C SER C 146 -20.40 13.14 -17.55
N ALA C 147 -19.66 14.19 -17.82
CA ALA C 147 -20.05 15.51 -17.42
C ALA C 147 -19.34 16.54 -18.27
N ALA C 148 -19.85 17.76 -18.24
CA ALA C 148 -19.17 18.91 -18.84
C ALA C 148 -19.58 20.16 -18.05
N THR C 149 -18.69 21.14 -17.99
CA THR C 149 -18.95 22.36 -17.19
C THR C 149 -20.26 23.03 -17.57
N GLY C 150 -21.11 23.19 -16.57
CA GLY C 150 -22.42 23.83 -16.72
C GLY C 150 -23.50 22.91 -17.25
N LEU C 151 -23.15 21.67 -17.59
CA LEU C 151 -24.05 20.76 -18.31
C LEU C 151 -24.49 19.53 -17.52
N GLY C 152 -24.04 19.43 -16.29
CA GLY C 152 -24.46 18.37 -15.41
C GLY C 152 -23.66 17.08 -15.63
N ALA C 153 -23.91 16.11 -14.76
CA ALA C 153 -23.28 14.78 -14.83
C ALA C 153 -24.33 13.71 -15.16
N HIS C 154 -24.02 12.84 -16.11
CA HIS C 154 -24.94 11.74 -16.42
C HIS C 154 -24.31 10.36 -16.36
N LEU C 155 -25.14 9.36 -16.09
CA LEU C 155 -24.76 7.96 -16.22
C LEU C 155 -25.53 7.37 -17.39
N THR C 156 -24.83 6.62 -18.24
CA THR C 156 -25.45 5.96 -19.39
C THR C 156 -25.27 4.45 -19.29
N ASP C 157 -26.39 3.74 -19.34
CA ASP C 157 -26.42 2.27 -19.31
C ASP C 157 -27.48 1.74 -20.28
N GLU C 158 -27.85 0.46 -20.16
CA GLU C 158 -28.86 -0.15 -21.04
C GLU C 158 -30.18 0.61 -21.01
N ARG C 159 -30.59 1.07 -19.82
CA ARG C 159 -31.86 1.78 -19.64
C ARG C 159 -31.77 3.26 -20.05
N GLY C 160 -30.78 3.62 -20.87
CA GLY C 160 -30.63 5.00 -21.32
C GLY C 160 -29.87 5.87 -20.33
N ARG C 161 -29.97 7.17 -20.54
CA ARG C 161 -29.20 8.17 -19.81
C ARG C 161 -29.94 8.69 -18.58
N HIS C 162 -29.24 8.82 -17.45
CA HIS C 162 -29.83 9.28 -16.18
C HIS C 162 -29.03 10.47 -15.60
N VAL C 163 -29.70 11.37 -14.89
CA VAL C 163 -29.03 12.52 -14.27
C VAL C 163 -28.42 12.06 -12.98
N LEU C 164 -27.23 12.58 -12.66
CA LEU C 164 -26.53 12.21 -11.43
C LEU C 164 -26.61 13.36 -10.42
N ARG C 165 -26.84 12.97 -9.17
CA ARG C 165 -26.91 13.88 -8.03
C ARG C 165 -26.39 13.16 -6.81
N CYS C 166 -25.50 13.81 -6.08
CA CYS C 166 -24.93 13.20 -4.90
C CYS C 166 -25.98 13.21 -3.79
N THR C 167 -25.68 12.60 -2.66
CA THR C 167 -26.64 12.44 -1.58
C THR C 167 -26.85 13.73 -0.79
N GLY C 168 -27.79 13.73 0.14
CA GLY C 168 -28.05 14.92 0.97
C GLY C 168 -27.75 14.70 2.45
N VAL C 169 -26.78 13.82 2.74
CA VAL C 169 -26.32 13.58 4.12
C VAL C 169 -25.90 14.89 4.82
N ASP C 170 -26.21 14.98 6.11
CA ASP C 170 -25.85 16.12 6.96
C ASP C 170 -24.82 15.75 8.00
N GLU C 171 -24.98 14.57 8.61
CA GLU C 171 -24.10 14.13 9.67
C GLU C 171 -23.00 13.24 9.11
N LEU C 172 -21.76 13.67 9.29
CA LEU C 172 -20.61 12.89 8.89
C LEU C 172 -20.62 11.48 9.47
N SER C 173 -21.29 11.27 10.60
CA SER C 173 -21.42 9.93 11.19
C SER C 173 -22.38 9.05 10.39
N MET C 174 -23.05 9.66 9.44
CA MET C 174 -24.02 8.97 8.59
C MET C 174 -23.47 8.73 7.20
N ALA C 175 -22.23 9.18 6.97
CA ALA C 175 -21.66 9.22 5.63
C ALA C 175 -20.88 7.94 5.36
N LEU C 176 -21.04 7.43 4.14
CA LEU C 176 -20.24 6.30 3.65
C LEU C 176 -19.04 6.85 2.88
N LEU C 177 -17.84 6.58 3.40
CA LEU C 177 -16.63 7.18 2.86
C LEU C 177 -15.81 6.16 2.08
N GLY C 178 -15.37 6.55 0.89
CA GLY C 178 -14.46 5.74 0.13
C GLY C 178 -13.03 6.26 0.21
N THR C 179 -12.07 5.36 0.28
CA THR C 179 -10.67 5.77 0.26
C THR C 179 -9.81 4.86 -0.57
N GLY C 180 -8.60 5.32 -0.82
CA GLY C 180 -7.57 4.51 -1.45
C GLY C 180 -6.22 4.97 -0.97
N PHE C 181 -5.18 4.34 -1.46
CA PHE C 181 -3.83 4.85 -1.30
C PHE C 181 -3.30 5.23 -2.68
N GLY C 182 -2.63 6.39 -2.74
CA GLY C 182 -2.10 6.91 -3.99
C GLY C 182 -0.59 6.78 -4.19
N TYR C 183 -0.17 5.97 -5.18
CA TYR C 183 1.27 5.80 -5.53
C TYR C 183 1.46 4.56 -6.40
N ARG C 186 5.05 3.85 -0.94
CA ARG C 186 5.83 4.53 0.10
C ARG C 186 4.92 5.27 1.08
N CYS C 187 5.19 5.08 2.38
CA CYS C 187 4.49 5.80 3.46
C CYS C 187 3.05 5.35 3.81
N ARG C 188 2.56 4.29 3.17
CA ARG C 188 1.17 3.83 3.33
C ARG C 188 0.63 3.76 4.77
N GLU C 189 1.46 3.30 5.70
CA GLU C 189 1.02 3.13 7.10
C GLU C 189 0.49 4.41 7.74
N LYS C 190 1.07 5.56 7.40
CA LYS C 190 0.58 6.86 7.86
C LYS C 190 -0.83 7.18 7.36
N GLN C 191 -1.09 6.89 6.09
CA GLN C 191 -2.41 7.09 5.51
C GLN C 191 -3.43 6.23 6.24
N ALA C 192 -3.03 4.99 6.54
CA ALA C 192 -3.89 4.04 7.25
C ALA C 192 -4.13 4.50 8.67
N GLU C 193 -3.08 5.04 9.26
CA GLU C 193 -3.13 5.58 10.62
C GLU C 193 -4.14 6.71 10.66
N LEU C 194 -4.03 7.61 9.69
CA LEU C 194 -4.95 8.72 9.53
C LEU C 194 -6.40 8.25 9.41
N LEU C 195 -6.62 7.20 8.64
CA LEU C 195 -7.98 6.70 8.40
C LEU C 195 -8.60 6.11 9.66
N ALA C 196 -7.79 5.42 10.44
CA ALA C 196 -8.27 4.86 11.69
C ALA C 196 -8.89 5.96 12.56
N HIS C 197 -8.30 7.15 12.52
CA HIS C 197 -8.85 8.29 13.26
C HIS C 197 -10.21 8.77 12.75
N VAL C 198 -10.41 8.77 11.43
CA VAL C 198 -11.68 9.20 10.85
C VAL C 198 -12.73 8.08 10.84
N VAL C 199 -12.29 6.83 10.92
CA VAL C 199 -13.21 5.69 10.91
C VAL C 199 -14.39 5.80 11.87
N PRO C 200 -14.15 6.14 13.15
CA PRO C 200 -15.29 6.28 14.08
C PRO C 200 -16.17 7.51 13.84
N LEU C 201 -15.71 8.47 13.04
CA LEU C 201 -16.50 9.67 12.77
C LEU C 201 -17.48 9.48 11.62
N VAL C 202 -17.42 8.31 10.96
CA VAL C 202 -18.23 8.05 9.79
C VAL C 202 -18.97 6.71 9.84
N ARG C 203 -20.06 6.65 9.08
CA ARG C 203 -20.94 5.48 9.01
C ARG C 203 -20.18 4.17 8.78
N ASP C 204 -19.40 4.12 7.71
CA ASP C 204 -18.55 2.98 7.36
C ASP C 204 -17.55 3.43 6.29
N VAL C 205 -16.64 2.55 5.93
CA VAL C 205 -15.60 2.86 4.95
C VAL C 205 -15.62 1.83 3.78
N ARG C 206 -15.32 2.31 2.57
CA ARG C 206 -15.21 1.44 1.41
C ARG C 206 -13.80 1.65 0.78
N ARG C 207 -13.16 0.55 0.39
CA ARG C 207 -11.90 0.60 -0.33
C ARG C 207 -11.95 -0.33 -1.55
N ILE C 208 -12.15 0.28 -2.71
CA ILE C 208 -12.54 -0.41 -3.91
C ILE C 208 -11.40 -0.66 -4.95
N GLY C 209 -10.42 0.21 -4.96
CA GLY C 209 -9.26 0.03 -5.85
C GLY C 209 -9.29 0.88 -7.12
N SER C 210 -10.18 1.88 -7.21
CA SER C 210 -10.21 2.75 -8.37
C SER C 210 -10.70 4.15 -8.07
N ALA C 211 -9.80 5.12 -8.15
CA ALA C 211 -10.16 6.50 -7.83
C ALA C 211 -11.20 7.02 -8.79
N ALA C 212 -11.04 6.66 -10.07
CA ALA C 212 -11.98 7.17 -11.09
C ALA C 212 -13.39 6.71 -10.72
N LEU C 213 -13.50 5.45 -10.33
CA LEU C 213 -14.82 4.90 -9.94
C LEU C 213 -15.39 5.45 -8.60
N ASP C 214 -14.49 5.75 -7.66
CA ASP C 214 -14.90 6.30 -6.38
C ASP C 214 -15.55 7.69 -6.65
N LEU C 215 -14.88 8.51 -7.43
CA LEU C 215 -15.43 9.83 -7.75
C LEU C 215 -16.82 9.72 -8.39
N CYS C 216 -16.98 8.68 -9.22
CA CYS C 216 -18.25 8.46 -9.91
C CYS C 216 -19.32 7.92 -8.94
N MET C 217 -18.92 7.09 -8.00
CA MET C 217 -19.83 6.63 -6.97
C MET C 217 -20.36 7.77 -6.12
N VAL C 218 -19.49 8.73 -5.80
CA VAL C 218 -19.93 9.91 -5.08
C VAL C 218 -20.99 10.66 -5.93
N ALA C 219 -20.70 10.84 -7.21
CA ALA C 219 -21.61 11.57 -8.13
C ALA C 219 -22.97 10.89 -8.19
N ALA C 220 -22.93 9.55 -8.19
CA ALA C 220 -24.15 8.72 -8.30
C ALA C 220 -24.93 8.62 -6.99
N GLY C 221 -24.25 8.89 -5.89
CA GLY C 221 -24.83 8.69 -4.57
C GLY C 221 -24.51 7.32 -3.97
N ARG C 222 -23.56 6.59 -4.52
CA ARG C 222 -23.19 5.27 -3.95
C ARG C 222 -22.17 5.37 -2.83
N LEU C 223 -21.48 6.51 -2.78
CA LEU C 223 -20.71 6.93 -1.61
C LEU C 223 -21.15 8.35 -1.27
N ASP C 224 -21.00 8.74 -0.02
CA ASP C 224 -21.29 10.09 0.44
C ASP C 224 -20.08 11.01 0.30
N ALA C 225 -18.90 10.41 0.39
CA ALA C 225 -17.64 11.13 0.17
C ALA C 225 -16.52 10.19 -0.24
N TYR C 226 -15.44 10.80 -0.68
CA TYR C 226 -14.25 10.10 -1.08
C TYR C 226 -13.03 10.93 -0.72
N TYR C 227 -12.00 10.25 -0.20
CA TYR C 227 -10.75 10.87 0.17
C TYR C 227 -9.57 9.99 -0.22
N GLU C 228 -8.65 10.56 -0.98
CA GLU C 228 -7.38 9.89 -1.26
C GLU C 228 -6.21 10.85 -1.36
N HIS C 229 -5.09 10.41 -0.77
CA HIS C 229 -3.84 11.18 -0.76
C HIS C 229 -2.84 10.60 -1.75
N GLY C 230 -2.64 11.29 -2.87
CA GLY C 230 -1.64 10.88 -3.87
C GLY C 230 -2.24 10.24 -5.11
N VAL C 231 -3.09 10.98 -5.81
CA VAL C 231 -3.79 10.47 -6.98
C VAL C 231 -3.29 11.19 -8.23
N GLN C 232 -2.82 10.42 -9.21
CA GLN C 232 -2.35 11.00 -10.47
C GLN C 232 -3.48 11.79 -11.15
N VAL C 233 -3.11 12.81 -11.92
CA VAL C 233 -4.10 13.68 -12.56
C VAL C 233 -5.03 12.93 -13.53
N TRP C 234 -4.45 11.99 -14.26
CA TRP C 234 -5.20 11.21 -15.24
C TRP C 234 -6.19 10.19 -14.65
N ASP C 235 -6.18 10.01 -13.34
CA ASP C 235 -7.18 9.16 -12.69
C ASP C 235 -8.29 9.94 -11.99
N CYS C 236 -8.07 11.22 -11.74
CA CYS C 236 -9.09 11.97 -11.04
C CYS C 236 -9.66 13.16 -11.81
N ALA C 237 -9.01 13.60 -12.88
CA ALA C 237 -9.47 14.81 -13.60
C ALA C 237 -10.93 14.68 -14.03
N ALA C 238 -11.23 13.63 -14.81
CA ALA C 238 -12.59 13.39 -15.31
C ALA C 238 -13.60 13.19 -14.14
N GLY C 239 -13.33 12.23 -13.28
CA GLY C 239 -14.21 11.95 -12.15
C GLY C 239 -14.49 13.17 -11.28
N ALA C 240 -13.46 13.96 -11.03
CA ALA C 240 -13.59 15.15 -10.20
C ALA C 240 -14.67 16.09 -10.75
N LEU C 241 -14.65 16.31 -12.08
CA LEU C 241 -15.64 17.15 -12.78
C LEU C 241 -17.01 16.53 -12.65
N ILE C 242 -17.06 15.20 -12.81
CA ILE C 242 -18.33 14.47 -12.79
C ILE C 242 -18.98 14.61 -11.42
N ALA C 243 -18.23 14.28 -10.36
CA ALA C 243 -18.72 14.54 -8.99
C ALA C 243 -19.16 16.02 -8.80
N ALA C 244 -18.35 16.95 -9.28
CA ALA C 244 -18.64 18.37 -9.09
C ALA C 244 -19.94 18.71 -9.79
N GLU C 245 -20.11 18.28 -11.04
CA GLU C 245 -21.34 18.54 -11.78
C GLU C 245 -22.55 17.81 -11.20
N ALA C 246 -22.32 16.93 -10.24
CA ALA C 246 -23.41 16.22 -9.57
C ALA C 246 -23.73 16.92 -8.25
N GLY C 247 -23.09 18.06 -8.00
CA GLY C 247 -23.34 18.90 -6.83
C GLY C 247 -22.39 18.64 -5.68
N ALA C 248 -21.42 17.77 -5.87
CA ALA C 248 -20.51 17.45 -4.79
C ALA C 248 -19.49 18.56 -4.60
N ARG C 249 -19.00 18.66 -3.39
CA ARG C 249 -17.89 19.54 -3.04
C ARG C 249 -16.60 18.82 -3.36
N VAL C 250 -15.78 19.41 -4.20
CA VAL C 250 -14.58 18.72 -4.65
C VAL C 250 -13.38 19.65 -4.55
N LEU C 251 -12.30 19.20 -3.92
CA LEU C 251 -11.08 19.97 -3.95
C LEU C 251 -9.85 19.13 -4.21
N LEU C 252 -8.99 19.65 -5.08
CA LEU C 252 -7.77 18.97 -5.53
C LEU C 252 -6.54 19.76 -5.05
N SER C 253 -6.03 19.36 -3.90
CA SER C 253 -4.84 19.98 -3.29
C SER C 253 -3.58 19.28 -3.83
N ALA C 260 4.45 13.16 -6.87
CA ALA C 260 3.88 14.07 -7.88
C ALA C 260 2.35 14.06 -8.00
N GLY C 261 1.66 13.20 -7.25
CA GLY C 261 0.19 13.09 -7.30
C GLY C 261 -0.56 14.24 -6.66
N LEU C 262 -1.88 14.10 -6.50
CA LEU C 262 -2.73 15.11 -5.86
C LEU C 262 -3.46 14.58 -4.63
N VAL C 263 -3.93 15.52 -3.81
CA VAL C 263 -4.82 15.20 -2.70
C VAL C 263 -6.24 15.52 -3.13
N VAL C 264 -7.11 14.52 -3.07
CA VAL C 264 -8.48 14.65 -3.56
C VAL C 264 -9.50 14.47 -2.43
N VAL C 265 -10.40 15.44 -2.31
CA VAL C 265 -11.53 15.31 -1.42
C VAL C 265 -12.79 15.63 -2.21
N ALA C 266 -13.74 14.69 -2.18
CA ALA C 266 -15.02 14.84 -2.88
C ALA C 266 -16.10 14.35 -1.93
N ALA C 267 -17.10 15.20 -1.66
CA ALA C 267 -18.12 14.89 -0.67
C ALA C 267 -19.43 15.56 -1.00
N ALA C 268 -20.53 14.90 -0.62
CA ALA C 268 -21.82 15.56 -0.63
C ALA C 268 -21.73 16.87 0.17
N PRO C 269 -22.37 17.95 -0.31
CA PRO C 269 -22.16 19.32 0.20
C PRO C 269 -22.50 19.46 1.68
N GLY C 270 -23.57 18.79 2.10
CA GLY C 270 -24.03 18.89 3.48
C GLY C 270 -23.04 18.37 4.51
N ILE C 271 -21.96 17.73 4.05
CA ILE C 271 -21.02 17.06 4.92
C ILE C 271 -19.55 17.37 4.62
N ALA C 272 -19.29 18.21 3.63
CA ALA C 272 -17.94 18.57 3.20
C ALA C 272 -17.10 19.28 4.27
N ASP C 273 -17.65 20.34 4.85
CA ASP C 273 -16.95 21.09 5.88
C ASP C 273 -16.60 20.17 7.04
N GLU C 274 -17.60 19.47 7.55
CA GLU C 274 -17.38 18.59 8.68
C GLU C 274 -16.29 17.55 8.41
N LEU C 275 -16.20 17.07 7.16
CA LEU C 275 -15.20 16.09 6.78
C LEU C 275 -13.81 16.72 6.64
N LEU C 276 -13.75 17.89 6.00
CA LEU C 276 -12.48 18.61 5.84
C LEU C 276 -11.83 18.95 7.19
N ALA C 277 -12.67 19.35 8.15
CA ALA C 277 -12.20 19.66 9.50
C ALA C 277 -11.53 18.43 10.14
N ALA C 278 -12.25 17.32 10.17
CA ALA C 278 -11.72 16.05 10.71
C ALA C 278 -10.41 15.65 10.06
N LEU C 279 -10.30 15.88 8.75
CA LEU C 279 -9.10 15.53 8.01
C LEU C 279 -7.93 16.42 8.41
N GLN C 280 -8.16 17.74 8.39
CA GLN C 280 -7.15 18.70 8.83
C GLN C 280 -6.72 18.39 10.23
N ARG C 281 -7.70 18.20 11.10
CA ARG C 281 -7.46 17.84 12.48
C ARG C 281 -6.43 16.71 12.67
N PHE C 282 -6.25 15.85 11.66
CA PHE C 282 -5.27 14.79 11.71
C PHE C 282 -4.19 14.87 10.61
N ASN C 283 -4.18 15.94 9.82
CA ASN C 283 -3.24 16.10 8.70
C ASN C 283 -3.41 15.09 7.56
N GLY C 284 -4.33 15.39 6.65
CA GLY C 284 -4.56 14.55 5.46
C GLY C 284 -5.00 15.31 4.21
N LEU C 285 -5.68 16.46 4.42
CA LEU C 285 -6.14 17.34 3.33
C LEU C 285 -5.04 18.26 2.80
N GLU C 286 -3.78 17.97 3.16
CA GLU C 286 -2.64 18.80 2.78
C GLU C 286 -1.50 17.97 2.17
#